data_2OAP
#
_entry.id   2OAP
#
_cell.length_a   132.864
_cell.length_b   132.864
_cell.length_c   442.261
_cell.angle_alpha   90.000
_cell.angle_beta   90.000
_cell.angle_gamma   120.000
#
_symmetry.space_group_name_H-M   'H 3 2'
#
loop_
_entity.id
_entity.type
_entity.pdbx_description
1 polymer 'Type II secretion system protein'
2 non-polymer 'PHOSPHOAMINOPHOSPHONIC ACID-ADENYLATE ESTER'
3 non-polymer 'MAGNESIUM ION'
#
_entity_poly.entity_id   1
_entity_poly.type   'polypeptide(L)'
_entity_poly.pdbx_seq_one_letter_code
;(MSE)AKNHYDILRRHIRSEDLLETPEFGSGSRIVEEYWIQEPFTKAIIVENEDEFRNVYYALEPTVSSEEAEVISALYD
DLKKILVLQDVSVDLEERAEVLVRAIEKLSKEYAVSFTDNFYSR(MSE)LYYLFRDFFGYGLIDPL(MSE)EDTNVEDIS
CDGYNIPIFIYHQKYGNVETNIVLDQEKLDR(MSE)VLRLTQRSGKHISIANPIVDATLPDGSRLQATFGTEVTPRGSSF
TIRKFTIEPLTPIDLIEKGTVPSGVLAYLWLAIEHKFSAIVVGETASGKTTTLNAI(MSE)(MSE)FIPPDAKVVSIEDT
REIKLYHENWIAEVTRTG(MSE)GEGEID(MSE)YDLLRAALRQRPDYIIVGEVRGREAQTLFQA(MSE)STGHASYSTL
HAGDINQ(MSE)VYRLESEPLKVPRS(MSE)LQFLDIALVQT(MSE)WVRGNTRLRRTKEVNEILGIDPVDKNLLVNQFV
KWDPKEDKHIEVS(MSE)PKKLEK(MSE)ADFLGVSVQEVYDE(MSE)LSRKRYLEL(MSE)LKRGIRNYKEVTRYIHAY
YRNPELA(MSE)TK(MSE)EEGL
;
_entity_poly.pdbx_strand_id   1,2
#
# COMPACT_ATOMS: atom_id res chain seq x y z
N HIS A 5 12.37 -26.32 -18.37
CA HIS A 5 12.10 -27.07 -17.11
C HIS A 5 11.09 -28.19 -17.34
N TYR A 6 9.97 -27.86 -17.99
CA TYR A 6 8.94 -28.84 -18.24
C TYR A 6 9.14 -29.72 -19.46
N ASP A 7 9.97 -29.28 -20.41
CA ASP A 7 10.22 -30.09 -21.59
C ASP A 7 11.20 -31.19 -21.18
N ILE A 8 12.19 -30.81 -20.37
CA ILE A 8 13.18 -31.75 -19.87
C ILE A 8 12.41 -32.79 -19.06
N LEU A 9 11.46 -32.31 -18.27
CA LEU A 9 10.60 -33.21 -17.51
C LEU A 9 9.55 -33.50 -18.57
N ARG A 10 8.45 -34.16 -18.19
CA ARG A 10 7.42 -34.43 -19.18
C ARG A 10 8.09 -35.16 -20.34
N ARG A 11 8.47 -36.39 -20.07
CA ARG A 11 9.13 -37.28 -21.03
C ARG A 11 9.79 -38.31 -20.12
N HIS A 12 10.38 -37.82 -19.03
CA HIS A 12 11.00 -38.68 -18.04
C HIS A 12 9.87 -39.34 -17.27
N ILE A 13 8.67 -38.80 -17.46
CA ILE A 13 7.48 -39.32 -16.80
C ILE A 13 7.03 -40.56 -17.56
N ARG A 14 6.12 -41.31 -16.96
CA ARG A 14 5.61 -42.52 -17.60
C ARG A 14 4.17 -42.28 -18.05
N SER A 15 3.28 -42.00 -17.09
CA SER A 15 1.87 -41.77 -17.38
C SER A 15 1.64 -40.38 -17.98
N GLU A 16 0.45 -40.19 -18.54
CA GLU A 16 0.07 -38.92 -19.15
C GLU A 16 -1.27 -38.47 -18.59
N ASP A 17 -1.98 -39.40 -17.96
CA ASP A 17 -3.27 -39.09 -17.34
C ASP A 17 -3.03 -38.81 -15.87
N LEU A 18 -2.25 -37.77 -15.61
CA LEU A 18 -1.91 -37.36 -14.26
C LEU A 18 -2.89 -36.28 -13.80
N LEU A 19 -3.10 -36.16 -12.50
CA LEU A 19 -4.01 -35.15 -11.94
C LEU A 19 -5.49 -35.43 -12.28
N GLU A 20 -6.27 -35.65 -11.23
CA GLU A 20 -7.70 -35.93 -11.38
C GLU A 20 -8.48 -34.70 -11.86
N THR A 21 -9.75 -34.62 -11.47
CA THR A 21 -10.61 -33.50 -11.84
C THR A 21 -11.07 -32.77 -10.59
N PRO A 22 -11.38 -31.47 -10.70
CA PRO A 22 -11.83 -30.64 -9.58
C PRO A 22 -13.25 -30.95 -9.13
N GLU A 23 -13.49 -30.81 -7.83
CA GLU A 23 -14.80 -31.05 -7.26
C GLU A 23 -15.17 -29.90 -6.33
N PHE A 24 -15.99 -28.98 -6.82
CA PHE A 24 -16.40 -27.81 -6.04
C PHE A 24 -17.87 -27.86 -5.67
N GLY A 25 -18.14 -27.85 -4.37
CA GLY A 25 -19.51 -27.90 -3.90
C GLY A 25 -20.38 -26.82 -4.49
N SER A 26 -21.68 -26.92 -4.26
CA SER A 26 -22.62 -25.94 -4.77
C SER A 26 -22.19 -24.52 -4.41
N GLY A 27 -22.77 -23.54 -5.11
CA GLY A 27 -22.43 -22.15 -4.86
C GLY A 27 -21.03 -21.83 -5.37
N SER A 28 -20.36 -22.87 -5.87
CA SER A 28 -19.01 -22.76 -6.40
C SER A 28 -18.98 -23.18 -7.87
N ARG A 29 -19.57 -22.35 -8.72
CA ARG A 29 -19.62 -22.57 -10.16
C ARG A 29 -18.25 -22.43 -10.82
N ILE A 30 -18.03 -23.18 -11.89
CA ILE A 30 -16.76 -23.12 -12.61
C ILE A 30 -16.91 -22.20 -13.81
N VAL A 31 -16.28 -21.04 -13.71
CA VAL A 31 -16.32 -20.01 -14.75
C VAL A 31 -15.54 -20.39 -15.99
N GLU A 32 -14.27 -20.74 -15.80
CA GLU A 32 -13.40 -21.12 -16.92
C GLU A 32 -12.38 -22.15 -16.44
N GLU A 33 -11.69 -22.75 -17.39
CA GLU A 33 -10.68 -23.76 -17.09
C GLU A 33 -9.70 -23.77 -18.25
N TYR A 34 -8.41 -23.88 -17.94
CA TYR A 34 -7.40 -23.89 -19.00
C TYR A 34 -6.12 -24.53 -18.48
N TRP A 35 -5.27 -24.95 -19.41
CA TRP A 35 -4.00 -25.59 -19.07
C TRP A 35 -2.87 -24.60 -18.80
N ILE A 36 -1.92 -25.03 -17.98
CA ILE A 36 -0.76 -24.23 -17.62
C ILE A 36 0.47 -25.00 -18.09
N GLN A 37 0.69 -26.16 -17.47
CA GLN A 37 1.80 -27.05 -17.83
C GLN A 37 1.27 -28.47 -17.99
N GLU A 38 0.57 -28.69 -19.10
CA GLU A 38 -0.01 -29.97 -19.44
C GLU A 38 1.05 -31.06 -19.48
N PRO A 39 0.77 -32.22 -18.88
CA PRO A 39 -0.49 -32.55 -18.21
C PRO A 39 -0.36 -32.58 -16.68
N PHE A 40 0.36 -31.62 -16.11
CA PHE A 40 0.55 -31.59 -14.67
C PHE A 40 -0.41 -30.63 -13.99
N THR A 41 -0.16 -29.35 -14.18
CA THR A 41 -0.95 -28.28 -13.58
C THR A 41 -1.95 -27.65 -14.51
N LYS A 42 -3.11 -27.31 -13.94
CA LYS A 42 -4.18 -26.69 -14.69
C LYS A 42 -4.83 -25.70 -13.74
N ALA A 43 -5.35 -24.60 -14.27
CA ALA A 43 -5.99 -23.59 -13.42
C ALA A 43 -7.48 -23.50 -13.70
N ILE A 44 -8.27 -23.42 -12.63
CA ILE A 44 -9.71 -23.31 -12.75
C ILE A 44 -10.21 -22.01 -12.15
N ILE A 45 -11.02 -21.28 -12.90
CA ILE A 45 -11.58 -20.03 -12.42
C ILE A 45 -13.01 -20.30 -11.95
N VAL A 46 -13.17 -20.39 -10.64
CA VAL A 46 -14.47 -20.66 -10.03
C VAL A 46 -15.21 -19.41 -9.61
N GLU A 47 -16.54 -19.48 -9.63
CA GLU A 47 -17.38 -18.35 -9.23
C GLU A 47 -17.79 -18.59 -7.77
N ASN A 48 -18.76 -17.82 -7.31
CA ASN A 48 -19.25 -17.95 -5.94
C ASN A 48 -20.44 -17.02 -5.77
N GLU A 49 -21.55 -17.39 -6.41
CA GLU A 49 -22.79 -16.62 -6.41
C GLU A 49 -22.98 -15.63 -5.24
N ASP A 50 -22.85 -16.13 -4.01
CA ASP A 50 -23.00 -15.30 -2.79
C ASP A 50 -22.18 -14.03 -2.95
N GLU A 51 -20.86 -14.18 -2.84
CA GLU A 51 -19.92 -13.09 -2.98
C GLU A 51 -19.57 -12.99 -4.45
N PHE A 52 -20.23 -12.07 -5.15
CA PHE A 52 -20.01 -11.89 -6.59
C PHE A 52 -18.54 -11.65 -6.83
N ARG A 53 -17.79 -12.75 -6.90
CA ARG A 53 -16.34 -12.73 -7.10
C ARG A 53 -15.91 -14.04 -7.73
N ASN A 54 -14.82 -14.03 -8.49
CA ASN A 54 -14.31 -15.26 -9.07
C ASN A 54 -13.11 -15.63 -8.22
N VAL A 55 -12.72 -16.90 -8.27
CA VAL A 55 -11.56 -17.34 -7.50
C VAL A 55 -10.64 -18.21 -8.33
N TYR A 56 -9.35 -18.01 -8.13
CA TYR A 56 -8.34 -18.76 -8.87
C TYR A 56 -7.94 -20.02 -8.11
N TYR A 57 -8.16 -21.17 -8.72
CA TYR A 57 -7.81 -22.42 -8.07
C TYR A 57 -6.66 -23.08 -8.84
N ALA A 58 -5.55 -23.30 -8.13
CA ALA A 58 -4.35 -23.90 -8.71
C ALA A 58 -4.30 -25.42 -8.57
N LEU A 59 -4.58 -26.10 -9.68
CA LEU A 59 -4.62 -27.55 -9.73
C LEU A 59 -3.28 -28.20 -10.06
N GLU A 60 -2.94 -29.23 -9.28
CA GLU A 60 -1.70 -29.96 -9.49
C GLU A 60 -2.05 -31.43 -9.28
N PRO A 61 -1.22 -32.34 -9.79
CA PRO A 61 -1.50 -33.78 -9.63
C PRO A 61 -1.72 -34.14 -8.16
N THR A 62 -2.94 -34.54 -7.85
CA THR A 62 -3.32 -34.92 -6.49
C THR A 62 -2.55 -36.15 -6.02
N VAL A 63 -2.17 -36.18 -4.75
CA VAL A 63 -1.44 -37.33 -4.21
C VAL A 63 -2.06 -37.88 -2.93
N SER A 64 -1.47 -38.96 -2.43
CA SER A 64 -1.94 -39.61 -1.22
C SER A 64 -1.18 -39.08 -0.01
N SER A 65 -1.81 -39.14 1.16
CA SER A 65 -1.19 -38.70 2.39
C SER A 65 -0.06 -39.65 2.77
N GLU A 66 -0.10 -40.84 2.19
CA GLU A 66 0.92 -41.86 2.42
C GLU A 66 2.06 -41.49 1.48
N GLU A 67 1.68 -41.07 0.28
CA GLU A 67 2.64 -40.66 -0.74
C GLU A 67 3.28 -39.37 -0.29
N ALA A 68 2.58 -38.67 0.60
CA ALA A 68 3.04 -37.41 1.15
C ALA A 68 4.45 -37.56 1.70
N GLU A 69 4.55 -37.98 2.96
CA GLU A 69 5.84 -38.17 3.61
C GLU A 69 6.71 -39.08 2.74
N VAL A 70 6.06 -39.92 1.95
CA VAL A 70 6.79 -40.84 1.06
C VAL A 70 7.61 -40.01 0.08
N ILE A 71 6.94 -39.08 -0.61
CA ILE A 71 7.59 -38.21 -1.58
C ILE A 71 8.44 -37.16 -0.86
N SER A 72 8.04 -36.83 0.37
CA SER A 72 8.77 -35.86 1.18
C SER A 72 10.01 -36.53 1.75
N ALA A 73 10.04 -37.86 1.66
CA ALA A 73 11.15 -38.65 2.14
C ALA A 73 12.17 -38.80 1.02
N LEU A 74 11.70 -39.25 -0.13
CA LEU A 74 12.57 -39.41 -1.28
C LEU A 74 13.27 -38.07 -1.51
N TYR A 75 12.66 -37.01 -1.00
CA TYR A 75 13.20 -35.67 -1.13
C TYR A 75 14.19 -35.35 -0.01
N ASP A 76 13.91 -35.87 1.17
CA ASP A 76 14.78 -35.64 2.33
C ASP A 76 16.19 -36.16 2.08
N ASP A 77 16.34 -37.06 1.11
CA ASP A 77 17.65 -37.61 0.78
C ASP A 77 18.25 -36.93 -0.44
N LEU A 78 17.45 -36.76 -1.49
CA LEU A 78 17.90 -36.12 -2.71
C LEU A 78 18.38 -34.69 -2.44
N LYS A 79 18.02 -34.18 -1.26
CA LYS A 79 18.42 -32.82 -0.87
C LYS A 79 19.91 -32.76 -0.61
N LYS A 80 20.43 -33.76 0.11
CA LYS A 80 21.85 -33.84 0.43
C LYS A 80 22.70 -34.17 -0.78
N ILE A 81 22.34 -33.60 -1.93
CA ILE A 81 23.07 -33.83 -3.17
C ILE A 81 23.47 -32.50 -3.79
N LEU A 82 24.51 -31.88 -3.25
CA LEU A 82 25.01 -30.59 -3.72
C LEU A 82 24.94 -30.41 -5.24
N VAL A 83 25.29 -31.47 -5.98
CA VAL A 83 25.28 -31.39 -7.43
C VAL A 83 23.91 -31.18 -8.06
N LEU A 84 22.89 -30.95 -7.23
CA LEU A 84 21.53 -30.73 -7.72
C LEU A 84 21.14 -29.26 -7.70
N GLN A 85 21.29 -28.65 -6.53
CA GLN A 85 20.96 -27.24 -6.35
C GLN A 85 21.84 -26.33 -7.19
N ASP A 86 23.08 -26.72 -7.39
CA ASP A 86 24.02 -25.92 -8.19
C ASP A 86 23.39 -25.40 -9.47
N VAL A 87 23.25 -24.09 -9.56
CA VAL A 87 22.67 -23.45 -10.73
C VAL A 87 23.70 -23.38 -11.85
N SER A 88 24.97 -23.46 -11.49
CA SER A 88 26.06 -23.41 -12.46
C SER A 88 25.87 -24.51 -13.50
N VAL A 89 25.17 -25.56 -13.10
CA VAL A 89 24.91 -26.70 -13.97
C VAL A 89 23.67 -26.50 -14.82
N ASP A 90 23.79 -26.79 -16.11
CA ASP A 90 22.66 -26.67 -17.03
C ASP A 90 21.53 -27.52 -16.50
N LEU A 91 20.30 -27.04 -16.63
CA LEU A 91 19.14 -27.78 -16.15
C LEU A 91 18.95 -29.10 -16.86
N GLU A 92 19.40 -29.17 -18.11
CA GLU A 92 19.26 -30.40 -18.90
C GLU A 92 19.96 -31.58 -18.24
N GLU A 93 21.17 -31.36 -17.73
CA GLU A 93 21.95 -32.40 -17.08
C GLU A 93 21.50 -32.65 -15.64
N ARG A 94 21.45 -31.56 -14.87
CA ARG A 94 21.04 -31.63 -13.46
C ARG A 94 19.86 -32.57 -13.28
N ALA A 95 18.83 -32.39 -14.08
CA ALA A 95 17.63 -33.21 -14.02
C ALA A 95 17.98 -34.69 -14.04
N GLU A 96 18.84 -35.08 -14.96
CA GLU A 96 19.27 -36.46 -15.12
C GLU A 96 19.65 -37.10 -13.79
N VAL A 97 20.54 -36.45 -13.05
CA VAL A 97 21.00 -36.99 -11.77
C VAL A 97 19.82 -37.30 -10.87
N LEU A 98 18.92 -36.33 -10.71
CA LEU A 98 17.74 -36.51 -9.88
C LEU A 98 17.02 -37.82 -10.24
N VAL A 99 16.87 -38.05 -11.55
CA VAL A 99 16.20 -39.25 -12.05
C VAL A 99 16.98 -40.50 -11.67
N ARG A 100 18.26 -40.53 -12.08
CA ARG A 100 19.13 -41.66 -11.79
C ARG A 100 19.24 -41.87 -10.28
N ALA A 101 19.41 -40.78 -9.54
CA ALA A 101 19.51 -40.85 -8.09
C ALA A 101 18.25 -41.47 -7.50
N ILE A 102 17.11 -41.20 -8.12
CA ILE A 102 15.83 -41.73 -7.66
C ILE A 102 15.71 -43.24 -7.92
N GLU A 103 16.52 -43.75 -8.84
CA GLU A 103 16.51 -45.17 -9.16
C GLU A 103 17.02 -45.97 -7.97
N LYS A 104 18.05 -45.44 -7.31
CA LYS A 104 18.64 -46.08 -6.15
C LYS A 104 17.67 -46.10 -4.97
N THR A 114 3.96 -46.96 -8.85
CA THR A 114 3.28 -47.28 -10.11
C THR A 114 3.92 -46.56 -11.30
N ASP A 115 3.48 -46.90 -12.51
CA ASP A 115 4.00 -46.26 -13.72
C ASP A 115 3.29 -44.94 -13.92
N ASN A 116 2.52 -44.55 -12.90
CA ASN A 116 1.76 -43.31 -12.92
C ASN A 116 2.23 -42.47 -11.72
N PHE A 117 2.40 -43.12 -10.58
CA PHE A 117 2.86 -42.44 -9.38
C PHE A 117 4.26 -41.88 -9.65
N TYR A 118 4.96 -42.50 -10.59
CA TYR A 118 6.31 -42.07 -10.96
C TYR A 118 6.26 -40.64 -11.46
N SER A 119 5.54 -40.44 -12.56
CA SER A 119 5.39 -39.12 -13.17
C SER A 119 4.80 -38.11 -12.20
N ARG A 120 3.61 -38.39 -11.68
CA ARG A 120 2.95 -37.49 -10.73
C ARG A 120 3.76 -37.35 -9.44
N LEU A 122 7.69 -37.04 -10.03
CA LEU A 122 8.81 -36.30 -10.60
C LEU A 122 8.43 -34.84 -10.65
N TYR A 123 7.13 -34.58 -10.87
CA TYR A 123 6.63 -33.22 -10.93
C TYR A 123 7.16 -32.45 -9.73
N TYR A 124 6.82 -32.92 -8.54
CA TYR A 124 7.25 -32.30 -7.30
C TYR A 124 8.76 -32.26 -7.16
N LEU A 125 9.41 -33.41 -7.31
CA LEU A 125 10.86 -33.47 -7.21
C LEU A 125 11.48 -32.36 -8.06
N PHE A 126 10.83 -32.00 -9.15
CA PHE A 126 11.33 -30.94 -10.03
C PHE A 126 10.89 -29.57 -9.54
N ARG A 127 9.61 -29.46 -9.23
CA ARG A 127 9.02 -28.22 -8.73
C ARG A 127 9.73 -27.70 -7.51
N ASP A 128 10.56 -28.54 -6.89
CA ASP A 128 11.27 -28.12 -5.69
C ASP A 128 12.78 -28.04 -5.87
N PHE A 129 13.26 -28.44 -7.03
CA PHE A 129 14.68 -28.36 -7.30
C PHE A 129 14.91 -27.39 -8.44
N PHE A 130 14.00 -27.42 -9.41
CA PHE A 130 14.13 -26.56 -10.56
C PHE A 130 12.95 -25.61 -10.71
N GLY A 131 11.88 -25.90 -9.98
CA GLY A 131 10.71 -25.04 -10.04
C GLY A 131 10.78 -23.93 -9.03
N TYR A 132 9.62 -23.43 -8.62
CA TYR A 132 9.55 -22.37 -7.64
C TYR A 132 8.82 -22.86 -6.39
N GLY A 133 8.55 -24.16 -6.36
CA GLY A 133 7.87 -24.76 -5.23
C GLY A 133 6.39 -24.51 -5.21
N LEU A 134 5.83 -24.39 -4.01
CA LEU A 134 4.41 -24.15 -3.79
C LEU A 134 3.78 -23.18 -4.80
N ILE A 135 4.50 -22.13 -5.17
CA ILE A 135 3.96 -21.15 -6.12
C ILE A 135 4.26 -21.38 -7.59
N ASP A 136 4.92 -22.49 -7.94
CA ASP A 136 5.24 -22.72 -9.34
C ASP A 136 4.03 -22.53 -10.27
N PRO A 137 2.86 -23.10 -9.90
CA PRO A 137 1.67 -22.96 -10.75
C PRO A 137 1.40 -21.50 -11.10
N LEU A 138 1.76 -20.61 -10.19
CA LEU A 138 1.55 -19.18 -10.37
C LEU A 138 2.67 -18.57 -11.21
N GLU A 140 4.38 -20.18 -13.50
CA GLU A 140 4.26 -20.69 -14.85
C GLU A 140 3.09 -20.11 -15.64
N ASP A 141 1.95 -19.93 -14.98
CA ASP A 141 0.77 -19.38 -15.65
C ASP A 141 1.03 -17.95 -16.14
N THR A 142 0.96 -17.72 -17.45
CA THR A 142 1.21 -16.38 -17.99
C THR A 142 0.01 -15.43 -17.91
N ASN A 143 -1.04 -15.87 -17.22
CA ASN A 143 -2.21 -15.04 -17.03
C ASN A 143 -2.07 -14.29 -15.71
N VAL A 144 -1.25 -14.84 -14.81
CA VAL A 144 -1.05 -14.19 -13.53
C VAL A 144 0.16 -13.26 -13.64
N GLU A 145 -0.10 -11.96 -13.60
CA GLU A 145 0.97 -10.97 -13.73
C GLU A 145 1.42 -10.37 -12.40
N ASP A 146 0.78 -10.76 -11.31
CA ASP A 146 1.12 -10.27 -9.99
C ASP A 146 0.82 -11.33 -8.95
N ILE A 147 1.72 -11.48 -7.99
CA ILE A 147 1.52 -12.46 -6.93
C ILE A 147 1.72 -11.76 -5.60
N SER A 148 0.72 -11.85 -4.74
CA SER A 148 0.80 -11.21 -3.44
C SER A 148 0.65 -12.19 -2.29
N CYS A 149 1.76 -12.50 -1.62
CA CYS A 149 1.71 -13.36 -0.45
C CYS A 149 1.88 -12.39 0.71
N ASP A 150 0.75 -12.01 1.30
CA ASP A 150 0.75 -11.04 2.37
C ASP A 150 1.31 -11.50 3.70
N GLY A 151 0.79 -12.57 4.27
CA GLY A 151 1.29 -13.02 5.55
C GLY A 151 1.09 -14.47 5.86
N TYR A 152 1.45 -14.85 7.08
CA TYR A 152 1.30 -16.24 7.54
C TYR A 152 -0.15 -16.69 7.49
N ASN A 153 -0.38 -17.83 6.85
CA ASN A 153 -1.71 -18.40 6.74
C ASN A 153 -2.76 -17.49 6.09
N ILE A 154 -2.31 -16.69 5.12
CA ILE A 154 -3.21 -15.83 4.38
C ILE A 154 -3.18 -16.29 2.94
N PRO A 155 -4.35 -16.58 2.35
CA PRO A 155 -4.40 -17.03 0.96
C PRO A 155 -3.77 -16.01 0.01
N ILE A 156 -2.90 -16.50 -0.86
CA ILE A 156 -2.21 -15.66 -1.83
C ILE A 156 -3.21 -15.05 -2.79
N PHE A 157 -2.98 -13.80 -3.17
CA PHE A 157 -3.85 -13.14 -4.11
C PHE A 157 -3.04 -12.93 -5.36
N ILE A 158 -3.71 -12.64 -6.47
CA ILE A 158 -3.00 -12.43 -7.71
C ILE A 158 -3.75 -11.45 -8.61
N TYR A 159 -3.10 -11.03 -9.69
CA TYR A 159 -3.75 -10.17 -10.65
C TYR A 159 -3.78 -10.93 -11.97
N HIS A 160 -4.99 -11.37 -12.34
CA HIS A 160 -5.19 -12.13 -13.54
C HIS A 160 -5.36 -11.23 -14.77
N GLN A 161 -4.66 -11.59 -15.85
CA GLN A 161 -4.68 -10.87 -17.12
C GLN A 161 -6.09 -10.42 -17.48
N LYS A 162 -7.09 -11.17 -17.01
CA LYS A 162 -8.47 -10.84 -17.31
C LYS A 162 -9.37 -10.73 -16.08
N TYR A 163 -9.07 -11.50 -15.03
CA TYR A 163 -9.90 -11.47 -13.84
C TYR A 163 -9.47 -10.45 -12.80
N GLY A 164 -8.21 -10.01 -12.87
CA GLY A 164 -7.71 -9.03 -11.94
C GLY A 164 -7.41 -9.59 -10.55
N ASN A 165 -7.92 -8.92 -9.53
CA ASN A 165 -7.68 -9.34 -8.15
C ASN A 165 -8.61 -10.49 -7.73
N VAL A 166 -8.01 -11.64 -7.47
CA VAL A 166 -8.79 -12.79 -7.03
C VAL A 166 -8.01 -13.56 -5.98
N GLU A 167 -8.74 -14.20 -5.07
CA GLU A 167 -8.11 -14.97 -4.00
C GLU A 167 -7.62 -16.29 -4.60
N THR A 168 -6.63 -16.90 -3.96
CA THR A 168 -6.05 -18.15 -4.44
C THR A 168 -6.10 -19.25 -3.39
N ASN A 169 -6.01 -20.49 -3.87
CA ASN A 169 -6.03 -21.67 -3.00
C ASN A 169 -4.64 -21.99 -2.47
N ILE A 170 -3.75 -21.02 -2.47
CA ILE A 170 -2.41 -21.26 -1.96
C ILE A 170 -2.16 -20.43 -0.72
N VAL A 171 -1.89 -21.13 0.38
CA VAL A 171 -1.65 -20.49 1.65
C VAL A 171 -0.37 -21.04 2.24
N LEU A 172 0.38 -20.20 2.94
CA LEU A 172 1.61 -20.66 3.54
C LEU A 172 1.66 -20.31 5.01
N ASP A 173 1.84 -21.32 5.84
CA ASP A 173 1.93 -21.13 7.28
C ASP A 173 3.33 -20.59 7.55
N GLN A 174 3.54 -20.09 8.75
CA GLN A 174 4.83 -19.51 9.14
C GLN A 174 6.05 -20.10 8.44
N GLU A 175 6.48 -21.30 8.84
CA GLU A 175 7.67 -21.90 8.26
C GLU A 175 7.62 -22.06 6.73
N LYS A 176 6.50 -22.58 6.23
CA LYS A 176 6.33 -22.79 4.80
C LYS A 176 6.62 -21.50 4.02
N LEU A 177 6.24 -20.37 4.60
CA LEU A 177 6.46 -19.07 3.95
C LEU A 177 7.89 -18.60 4.20
N ASP A 178 8.38 -18.75 5.43
CA ASP A 178 9.74 -18.33 5.76
C ASP A 178 10.74 -18.91 4.79
N ARG A 179 10.62 -20.21 4.49
CA ARG A 179 11.55 -20.84 3.57
C ARG A 179 11.29 -20.34 2.16
N VAL A 181 10.39 -17.45 1.28
CA VAL A 181 11.04 -16.15 1.19
C VAL A 181 12.55 -16.28 1.05
N LEU A 182 13.11 -17.36 1.56
CA LEU A 182 14.54 -17.56 1.44
C LEU A 182 14.83 -18.07 0.02
N ARG A 183 13.96 -18.95 -0.48
CA ARG A 183 14.11 -19.49 -1.83
C ARG A 183 14.15 -18.36 -2.83
N LEU A 184 13.09 -17.55 -2.84
CA LEU A 184 12.98 -16.42 -3.75
C LEU A 184 14.14 -15.45 -3.60
N THR A 185 14.44 -15.09 -2.35
CA THR A 185 15.52 -14.18 -2.05
C THR A 185 16.84 -14.69 -2.62
N GLN A 186 17.10 -15.97 -2.43
CA GLN A 186 18.33 -16.55 -2.93
C GLN A 186 18.38 -16.58 -4.45
N ARG A 187 17.35 -17.12 -5.10
CA ARG A 187 17.36 -17.15 -6.55
C ARG A 187 17.55 -15.76 -7.14
N SER A 188 17.11 -14.73 -6.41
CA SER A 188 17.26 -13.36 -6.89
C SER A 188 18.66 -12.86 -6.59
N GLY A 189 19.38 -13.63 -5.76
CA GLY A 189 20.75 -13.28 -5.42
C GLY A 189 20.98 -12.45 -4.17
N LYS A 190 20.03 -12.46 -3.24
CA LYS A 190 20.18 -11.68 -2.02
C LYS A 190 20.12 -12.57 -0.78
N HIS A 191 20.46 -12.01 0.37
CA HIS A 191 20.46 -12.77 1.62
C HIS A 191 19.60 -12.13 2.71
N ILE A 192 18.29 -12.23 2.55
CA ILE A 192 17.34 -11.66 3.49
C ILE A 192 17.46 -12.31 4.88
N SER A 193 17.55 -11.48 5.91
CA SER A 193 17.67 -11.95 7.28
C SER A 193 17.10 -10.90 8.23
N ILE A 194 16.97 -11.21 9.52
CA ILE A 194 16.43 -10.22 10.44
C ILE A 194 17.35 -9.00 10.45
N ALA A 195 18.58 -9.20 10.00
CA ALA A 195 19.55 -8.11 9.95
C ALA A 195 19.29 -7.23 8.72
N ASN A 196 18.73 -7.83 7.67
CA ASN A 196 18.38 -7.16 6.41
C ASN A 196 17.07 -7.81 5.98
N PRO A 197 15.98 -7.52 6.72
CA PRO A 197 14.63 -8.03 6.51
C PRO A 197 13.90 -7.66 5.22
N ILE A 198 14.39 -6.69 4.48
CA ILE A 198 13.69 -6.31 3.24
C ILE A 198 14.58 -6.41 2.02
N VAL A 199 14.07 -7.08 0.99
CA VAL A 199 14.80 -7.24 -0.25
C VAL A 199 13.97 -6.84 -1.46
N ASP A 200 14.54 -5.96 -2.28
CA ASP A 200 13.90 -5.52 -3.51
C ASP A 200 14.86 -5.89 -4.62
N ALA A 201 14.81 -7.15 -5.03
CA ALA A 201 15.69 -7.65 -6.08
C ALA A 201 14.92 -8.05 -7.32
N THR A 202 15.59 -8.79 -8.20
CA THR A 202 14.99 -9.24 -9.43
C THR A 202 15.31 -10.71 -9.68
N LEU A 203 14.27 -11.52 -9.72
CA LEU A 203 14.38 -12.95 -9.94
C LEU A 203 15.03 -13.30 -11.28
N PRO A 204 15.51 -14.55 -11.42
CA PRO A 204 16.15 -15.01 -12.64
C PRO A 204 15.27 -14.87 -13.89
N ASP A 205 13.99 -15.19 -13.75
CA ASP A 205 13.06 -15.10 -14.87
C ASP A 205 12.91 -13.64 -15.31
N GLY A 206 13.55 -12.76 -14.55
CA GLY A 206 13.47 -11.34 -14.84
C GLY A 206 12.15 -10.80 -14.33
N SER A 207 11.99 -10.77 -13.01
CA SER A 207 10.77 -10.29 -12.37
C SER A 207 11.11 -9.52 -11.10
N ARG A 208 10.25 -8.55 -10.74
CA ARG A 208 10.46 -7.73 -9.54
C ARG A 208 9.94 -8.42 -8.30
N LEU A 209 10.83 -8.59 -7.32
CA LEU A 209 10.50 -9.26 -6.08
C LEU A 209 10.74 -8.43 -4.84
N GLN A 210 9.68 -8.07 -4.13
CA GLN A 210 9.85 -7.34 -2.87
C GLN A 210 9.74 -8.50 -1.88
N ALA A 211 10.49 -8.47 -0.80
CA ALA A 211 10.42 -9.56 0.16
C ALA A 211 10.80 -9.12 1.55
N THR A 212 10.10 -9.68 2.54
CA THR A 212 10.34 -9.36 3.93
C THR A 212 10.42 -10.63 4.75
N PHE A 213 11.44 -10.72 5.59
CA PHE A 213 11.64 -11.88 6.44
C PHE A 213 11.23 -11.57 7.87
N GLY A 214 10.73 -12.57 8.57
CA GLY A 214 10.34 -12.36 9.95
C GLY A 214 9.14 -11.44 10.07
N THR A 215 9.07 -10.71 11.17
CA THR A 215 7.95 -9.81 11.43
C THR A 215 8.37 -8.43 11.92
N GLU A 216 9.67 -8.15 11.88
CA GLU A 216 10.19 -6.88 12.33
C GLU A 216 9.54 -5.72 11.58
N VAL A 217 9.43 -5.85 10.25
CA VAL A 217 8.84 -4.80 9.43
C VAL A 217 7.42 -5.17 8.97
N THR A 218 7.11 -6.47 9.04
CA THR A 218 5.80 -6.96 8.64
C THR A 218 5.19 -7.72 9.79
N PRO A 219 4.50 -7.02 10.71
CA PRO A 219 3.90 -7.75 11.83
C PRO A 219 3.10 -8.99 11.38
N ARG A 220 2.46 -8.89 10.21
CA ARG A 220 1.68 -10.00 9.67
C ARG A 220 2.59 -11.13 9.15
N GLY A 221 3.81 -11.21 9.69
CA GLY A 221 4.76 -12.25 9.31
C GLY A 221 5.57 -11.95 8.06
N SER A 222 6.39 -12.92 7.64
CA SER A 222 7.20 -12.76 6.44
C SER A 222 6.25 -12.57 5.27
N SER A 223 6.76 -12.00 4.17
CA SER A 223 5.93 -11.76 3.00
C SER A 223 6.73 -11.46 1.75
N PHE A 224 6.07 -11.59 0.61
CA PHE A 224 6.69 -11.32 -0.67
C PHE A 224 5.66 -10.95 -1.73
N THR A 225 6.11 -10.24 -2.75
CA THR A 225 5.27 -9.82 -3.86
C THR A 225 6.10 -10.01 -5.12
N ILE A 226 5.46 -10.43 -6.20
CA ILE A 226 6.17 -10.67 -7.45
C ILE A 226 5.42 -10.08 -8.63
N ARG A 227 6.01 -9.06 -9.24
CA ARG A 227 5.44 -8.40 -10.40
C ARG A 227 6.08 -9.02 -11.64
N LYS A 228 5.33 -9.88 -12.33
CA LYS A 228 5.82 -10.56 -13.52
C LYS A 228 5.78 -9.66 -14.75
N PHE A 229 6.90 -9.63 -15.48
CA PHE A 229 7.05 -8.82 -16.66
C PHE A 229 6.25 -9.37 -17.86
N THR A 230 5.38 -10.36 -17.63
CA THR A 230 4.58 -10.88 -18.73
C THR A 230 3.73 -9.70 -19.18
N ILE A 231 3.73 -9.39 -20.47
CA ILE A 231 2.94 -8.26 -20.91
C ILE A 231 2.10 -8.47 -22.16
N GLU A 232 2.75 -8.71 -23.28
CA GLU A 232 2.04 -8.87 -24.55
C GLU A 232 1.56 -7.47 -24.92
N PRO A 233 2.50 -6.58 -25.28
CA PRO A 233 2.26 -5.19 -25.68
C PRO A 233 1.35 -5.03 -26.89
N LEU A 234 0.32 -4.22 -26.74
CA LEU A 234 -0.61 -3.97 -27.83
C LEU A 234 0.19 -3.47 -29.02
N THR A 235 -0.29 -3.80 -30.21
CA THR A 235 0.39 -3.45 -31.44
C THR A 235 -0.21 -2.30 -32.26
N PRO A 236 0.56 -1.75 -33.21
CA PRO A 236 -0.01 -0.66 -34.01
C PRO A 236 -1.30 -1.16 -34.68
N ILE A 237 -1.24 -2.37 -35.23
CA ILE A 237 -2.41 -2.98 -35.86
C ILE A 237 -3.49 -3.02 -34.80
N ASP A 238 -3.11 -3.40 -33.58
CA ASP A 238 -4.05 -3.45 -32.46
C ASP A 238 -4.73 -2.08 -32.27
N LEU A 239 -3.95 -1.02 -32.25
CA LEU A 239 -4.54 0.31 -32.07
C LEU A 239 -5.52 0.67 -33.17
N ILE A 240 -5.31 0.14 -34.38
CA ILE A 240 -6.20 0.41 -35.49
C ILE A 240 -7.52 -0.32 -35.28
N GLU A 241 -7.43 -1.54 -34.75
CA GLU A 241 -8.60 -2.35 -34.48
C GLU A 241 -9.47 -1.74 -33.38
N LYS A 242 -8.83 -1.35 -32.29
CA LYS A 242 -9.52 -0.74 -31.17
C LYS A 242 -10.02 0.65 -31.59
N GLY A 243 -9.63 1.09 -32.78
CA GLY A 243 -10.06 2.39 -33.25
C GLY A 243 -9.39 3.51 -32.45
N THR A 244 -8.25 3.18 -31.84
CA THR A 244 -7.50 4.15 -31.04
C THR A 244 -6.79 5.21 -31.87
N VAL A 245 -6.13 4.78 -32.94
CA VAL A 245 -5.39 5.68 -33.83
C VAL A 245 -5.64 5.17 -35.25
N PRO A 246 -6.12 6.03 -36.15
CA PRO A 246 -6.38 5.61 -37.53
C PRO A 246 -5.09 5.20 -38.22
N SER A 247 -5.20 4.27 -39.17
CA SER A 247 -4.04 3.75 -39.91
C SER A 247 -3.22 4.87 -40.52
N GLY A 248 -3.89 5.86 -41.09
CA GLY A 248 -3.16 6.98 -41.68
C GLY A 248 -2.29 7.74 -40.68
N VAL A 249 -2.78 7.94 -39.47
CA VAL A 249 -1.98 8.64 -38.48
C VAL A 249 -0.75 7.79 -38.14
N LEU A 250 -0.96 6.49 -38.01
CA LEU A 250 0.13 5.56 -37.69
C LEU A 250 1.26 5.59 -38.71
N ALA A 251 0.92 5.72 -39.99
CA ALA A 251 1.91 5.77 -41.04
C ALA A 251 2.74 7.03 -40.84
N TYR A 252 2.03 8.14 -40.66
CA TYR A 252 2.66 9.42 -40.43
C TYR A 252 3.72 9.27 -39.32
N LEU A 253 3.35 8.57 -38.24
CA LEU A 253 4.27 8.35 -37.15
C LEU A 253 5.42 7.41 -37.51
N TRP A 254 5.12 6.35 -38.26
CA TRP A 254 6.12 5.39 -38.68
C TRP A 254 7.25 6.16 -39.38
N LEU A 255 6.86 7.04 -40.30
CA LEU A 255 7.84 7.87 -41.02
C LEU A 255 8.54 8.76 -40.02
N ALA A 256 7.75 9.50 -39.23
CA ALA A 256 8.29 10.40 -38.21
C ALA A 256 9.34 9.69 -37.38
N ILE A 257 8.99 8.51 -36.87
CA ILE A 257 9.91 7.75 -36.04
C ILE A 257 11.18 7.36 -36.79
N GLU A 258 11.03 6.98 -38.07
CA GLU A 258 12.18 6.60 -38.88
C GLU A 258 13.14 7.80 -39.01
N HIS A 259 12.56 8.97 -39.21
CA HIS A 259 13.34 10.19 -39.38
C HIS A 259 13.82 10.81 -38.08
N LYS A 260 13.54 10.13 -36.98
CA LYS A 260 13.98 10.57 -35.67
C LYS A 260 13.29 11.79 -35.09
N PHE A 261 12.05 12.05 -35.48
CA PHE A 261 11.35 13.18 -34.88
C PHE A 261 10.95 12.72 -33.47
N SER A 262 11.27 13.54 -32.47
CA SER A 262 10.98 13.18 -31.08
C SER A 262 9.54 13.43 -30.68
N ALA A 263 9.00 12.50 -29.89
CA ALA A 263 7.61 12.60 -29.46
C ALA A 263 7.37 12.24 -28.00
N ILE A 264 6.38 12.90 -27.41
CA ILE A 264 6.00 12.66 -26.02
C ILE A 264 4.52 12.30 -26.03
N VAL A 265 4.17 11.23 -25.32
CA VAL A 265 2.78 10.82 -25.24
C VAL A 265 2.23 11.34 -23.90
N VAL A 266 1.21 12.19 -23.99
CA VAL A 266 0.60 12.81 -22.83
C VAL A 266 -0.83 12.29 -22.64
N GLY A 267 -1.30 12.30 -21.39
CA GLY A 267 -2.64 11.82 -21.13
C GLY A 267 -2.93 11.57 -19.66
N GLU A 268 -4.20 11.63 -19.28
CA GLU A 268 -4.59 11.41 -17.90
C GLU A 268 -4.14 10.01 -17.48
N THR A 269 -4.05 9.79 -16.16
CA THR A 269 -3.64 8.49 -15.65
C THR A 269 -4.55 7.37 -16.13
N ALA A 270 -3.94 6.34 -16.72
CA ALA A 270 -4.63 5.16 -17.25
C ALA A 270 -5.31 5.39 -18.61
N SER A 271 -4.89 6.44 -19.32
CA SER A 271 -5.46 6.76 -20.62
C SER A 271 -4.76 6.06 -21.76
N GLY A 272 -3.60 5.46 -21.53
CA GLY A 272 -2.94 4.77 -22.64
C GLY A 272 -1.51 5.15 -22.99
N LYS A 273 -1.02 6.25 -22.43
CA LYS A 273 0.34 6.71 -22.72
C LYS A 273 1.33 5.58 -23.01
N THR A 274 1.80 4.86 -21.99
CA THR A 274 2.78 3.79 -22.23
C THR A 274 2.43 2.80 -23.33
N THR A 275 1.20 2.28 -23.34
CA THR A 275 0.82 1.35 -24.38
C THR A 275 1.13 1.97 -25.74
N THR A 276 0.52 3.11 -26.02
CA THR A 276 0.74 3.80 -27.29
C THR A 276 2.25 3.93 -27.59
N LEU A 277 3.03 4.40 -26.63
CA LEU A 277 4.46 4.51 -26.86
C LEU A 277 5.01 3.17 -27.32
N ASN A 278 4.89 2.16 -26.47
CA ASN A 278 5.40 0.84 -26.83
C ASN A 278 4.89 0.43 -28.20
N ALA A 279 3.62 0.73 -28.46
CA ALA A 279 3.05 0.38 -29.75
C ALA A 279 3.90 1.01 -30.83
N ILE A 280 3.87 2.33 -30.93
CA ILE A 280 4.62 3.01 -31.97
C ILE A 280 6.16 2.87 -31.87
N PHE A 283 8.25 0.68 -34.51
CA PHE A 283 8.51 1.28 -35.82
C PHE A 283 9.97 1.66 -35.98
N ILE A 284 10.78 1.31 -34.97
CA ILE A 284 12.20 1.61 -34.98
C ILE A 284 12.92 0.69 -35.94
N PRO A 285 13.79 1.27 -36.79
CA PRO A 285 14.59 0.57 -37.79
C PRO A 285 15.40 -0.55 -37.20
N PRO A 286 15.22 -1.77 -37.74
CA PRO A 286 15.89 -2.99 -37.32
C PRO A 286 17.34 -2.92 -36.83
N ASP A 287 18.15 -2.05 -37.42
CA ASP A 287 19.56 -2.01 -37.02
C ASP A 287 19.94 -0.89 -36.04
N ALA A 288 19.02 0.05 -35.83
CA ALA A 288 19.27 1.19 -34.96
C ALA A 288 19.54 0.79 -33.52
N LYS A 289 20.46 1.49 -32.87
CA LYS A 289 20.75 1.20 -31.46
C LYS A 289 19.82 2.03 -30.61
N VAL A 290 19.05 1.34 -29.79
CA VAL A 290 18.11 2.01 -28.90
C VAL A 290 18.44 1.67 -27.46
N VAL A 291 18.34 2.69 -26.60
CA VAL A 291 18.59 2.53 -25.18
C VAL A 291 17.35 3.03 -24.50
N SER A 292 16.85 2.29 -23.52
CA SER A 292 15.66 2.73 -22.80
C SER A 292 15.99 2.85 -21.31
N ILE A 293 15.38 3.84 -20.66
CA ILE A 293 15.58 4.07 -19.23
C ILE A 293 14.20 4.14 -18.60
N GLU A 294 13.90 3.23 -17.67
CA GLU A 294 12.60 3.21 -17.02
C GLU A 294 12.75 2.99 -15.52
N ASP A 295 11.73 3.41 -14.77
CA ASP A 295 11.74 3.23 -13.33
C ASP A 295 11.45 1.76 -13.02
N THR A 296 10.72 1.12 -13.92
CA THR A 296 10.37 -0.30 -13.81
C THR A 296 10.01 -0.82 -15.20
N ARG A 297 10.51 -2.00 -15.56
CA ARG A 297 10.22 -2.53 -16.88
C ARG A 297 8.74 -2.52 -17.19
N GLU A 298 8.43 -2.10 -18.41
CA GLU A 298 7.06 -2.02 -18.91
C GLU A 298 7.09 -2.11 -20.43
N ILE A 299 8.21 -1.69 -21.00
CA ILE A 299 8.37 -1.68 -22.44
C ILE A 299 8.95 -2.96 -22.99
N LYS A 300 8.17 -3.60 -23.88
CA LYS A 300 8.57 -4.81 -24.55
C LYS A 300 8.90 -4.46 -25.99
N LEU A 301 10.07 -4.89 -26.46
CA LEU A 301 10.48 -4.62 -27.83
C LEU A 301 11.07 -5.84 -28.53
N TYR A 302 10.62 -6.12 -29.74
CA TYR A 302 11.17 -7.26 -30.46
C TYR A 302 12.30 -6.69 -31.31
N HIS A 303 13.29 -6.09 -30.62
CA HIS A 303 14.44 -5.45 -31.24
C HIS A 303 15.70 -6.00 -30.60
N GLU A 304 16.73 -6.21 -31.40
CA GLU A 304 17.97 -6.79 -30.92
C GLU A 304 18.96 -5.78 -30.38
N ASN A 305 19.50 -4.94 -31.27
CA ASN A 305 20.48 -3.93 -30.88
C ASN A 305 19.85 -2.94 -29.92
N TRP A 306 19.47 -3.43 -28.74
CA TRP A 306 18.81 -2.59 -27.73
C TRP A 306 19.33 -2.82 -26.31
N ILE A 307 19.49 -1.73 -25.58
CA ILE A 307 19.93 -1.85 -24.20
C ILE A 307 18.80 -1.33 -23.33
N ALA A 308 18.38 -2.13 -22.36
CA ALA A 308 17.31 -1.73 -21.47
C ALA A 308 17.97 -1.46 -20.13
N GLU A 309 17.73 -0.28 -19.60
CA GLU A 309 18.29 0.11 -18.31
C GLU A 309 17.17 0.39 -17.34
N VAL A 310 17.31 -0.13 -16.13
CA VAL A 310 16.30 0.07 -15.11
C VAL A 310 16.84 0.73 -13.85
N THR A 311 16.08 1.71 -13.36
CA THR A 311 16.45 2.46 -12.17
C THR A 311 16.68 1.58 -10.94
N ARG A 312 17.50 2.07 -10.01
CA ARG A 312 17.76 1.32 -8.79
C ARG A 312 17.27 2.11 -7.55
N THR A 313 16.48 1.43 -6.72
CA THR A 313 15.90 2.02 -5.52
C THR A 313 16.95 2.42 -4.49
N GLY A 314 17.99 1.61 -4.37
CA GLY A 314 19.04 1.90 -3.41
C GLY A 314 18.68 1.43 -2.01
N GLY A 316 19.37 -0.81 -0.20
CA GLY A 316 20.53 -1.09 0.61
C GLY A 316 21.83 -0.93 -0.13
N GLU A 317 21.78 -0.21 -1.25
CA GLU A 317 22.98 0.03 -2.06
C GLU A 317 22.99 1.46 -2.60
N GLY A 318 23.71 1.66 -3.70
CA GLY A 318 23.79 2.97 -4.30
C GLY A 318 22.60 3.26 -5.20
N GLU A 319 21.87 4.32 -4.89
CA GLU A 319 20.70 4.68 -5.67
C GLU A 319 21.10 5.29 -7.01
N ILE A 320 20.59 4.70 -8.09
CA ILE A 320 20.86 5.20 -9.43
C ILE A 320 19.51 5.58 -10.05
N ASP A 321 19.27 6.88 -10.21
CA ASP A 321 18.00 7.32 -10.78
C ASP A 321 18.01 7.50 -12.29
N TYR A 323 18.01 10.14 -13.94
CA TYR A 323 18.96 11.16 -14.33
C TYR A 323 20.31 10.49 -14.59
N ASP A 324 20.78 9.72 -13.62
CA ASP A 324 22.06 9.02 -13.72
C ASP A 324 22.11 8.13 -14.94
N LEU A 325 21.05 7.36 -15.14
CA LEU A 325 20.98 6.43 -16.27
C LEU A 325 20.94 7.09 -17.65
N LEU A 326 20.22 8.21 -17.77
CA LEU A 326 20.10 8.87 -19.06
C LEU A 326 21.43 9.53 -19.42
N ARG A 327 21.94 10.32 -18.48
CA ARG A 327 23.19 11.04 -18.65
C ARG A 327 24.29 10.12 -19.16
N ALA A 328 24.25 8.86 -18.75
CA ALA A 328 25.21 7.85 -19.17
C ALA A 328 24.39 6.86 -19.96
N ALA A 329 24.19 7.18 -21.23
CA ALA A 329 23.37 6.38 -22.15
C ALA A 329 23.38 7.31 -23.32
N LEU A 330 23.08 8.56 -23.02
CA LEU A 330 23.10 9.59 -24.00
C LEU A 330 24.60 9.71 -24.34
N ARG A 331 25.42 9.16 -23.44
CA ARG A 331 26.87 9.19 -23.59
C ARG A 331 27.33 8.14 -24.60
N GLN A 332 26.56 7.07 -24.72
CA GLN A 332 26.89 5.99 -25.66
C GLN A 332 26.42 6.44 -27.03
N ARG A 333 25.97 7.69 -27.10
CA ARG A 333 25.51 8.31 -28.34
C ARG A 333 24.63 7.37 -29.18
N PRO A 334 23.48 6.95 -28.63
CA PRO A 334 22.52 6.04 -29.27
C PRO A 334 21.69 6.70 -30.36
N ASP A 335 20.95 5.88 -31.09
CA ASP A 335 20.10 6.35 -32.15
C ASP A 335 18.79 6.79 -31.57
N TYR A 336 18.13 5.86 -30.89
CA TYR A 336 16.85 6.15 -30.26
C TYR A 336 16.97 5.99 -28.75
N ILE A 337 16.32 6.90 -28.03
CA ILE A 337 16.32 6.91 -26.58
C ILE A 337 14.88 6.85 -26.10
N ILE A 338 14.56 5.92 -25.21
CA ILE A 338 13.20 5.86 -24.71
C ILE A 338 13.18 6.02 -23.19
N VAL A 339 12.47 7.04 -22.71
CA VAL A 339 12.34 7.26 -21.28
C VAL A 339 10.92 6.91 -20.85
N GLY A 340 10.77 5.82 -20.10
CA GLY A 340 9.47 5.38 -19.64
C GLY A 340 8.48 6.51 -19.46
N GLU A 341 8.80 7.41 -18.54
CA GLU A 341 7.97 8.57 -18.25
C GLU A 341 8.84 9.57 -17.52
N VAL A 342 8.75 10.84 -17.91
CA VAL A 342 9.55 11.86 -17.23
C VAL A 342 8.82 12.33 -15.98
N ARG A 343 9.47 12.19 -14.83
CA ARG A 343 8.88 12.59 -13.57
C ARG A 343 9.82 13.53 -12.81
N GLY A 344 10.82 14.06 -13.50
CA GLY A 344 11.75 14.97 -12.86
C GLY A 344 12.99 15.37 -13.65
N ARG A 345 13.98 15.81 -12.90
CA ARG A 345 15.28 16.27 -13.39
C ARG A 345 15.73 15.66 -14.71
N GLU A 346 15.64 14.34 -14.82
CA GLU A 346 16.09 13.64 -16.03
C GLU A 346 15.50 14.20 -17.31
N ALA A 347 14.40 14.93 -17.18
CA ALA A 347 13.71 15.53 -18.32
C ALA A 347 14.60 16.52 -19.07
N GLN A 348 15.46 17.21 -18.36
CA GLN A 348 16.35 18.18 -18.98
C GLN A 348 17.29 17.46 -19.93
N THR A 349 17.93 16.40 -19.43
CA THR A 349 18.86 15.61 -20.23
C THR A 349 18.21 15.09 -21.50
N LEU A 350 16.95 14.67 -21.39
CA LEU A 350 16.22 14.17 -22.54
C LEU A 350 16.14 15.21 -23.64
N PHE A 351 15.60 16.39 -23.32
CA PHE A 351 15.48 17.46 -24.29
C PHE A 351 16.86 17.89 -24.80
N GLN A 352 17.89 17.64 -23.98
CA GLN A 352 19.24 17.97 -24.41
C GLN A 352 19.53 16.99 -25.51
N ALA A 353 19.16 15.73 -25.26
CA ALA A 353 19.35 14.67 -26.23
C ALA A 353 18.64 15.05 -27.52
N SER A 355 17.86 18.25 -28.65
CA SER A 355 18.58 19.37 -29.25
C SER A 355 19.79 18.85 -30.01
N THR A 356 20.22 17.65 -29.66
CA THR A 356 21.39 17.02 -30.25
C THR A 356 21.13 15.98 -31.35
N GLY A 357 19.86 15.70 -31.63
CA GLY A 357 19.56 14.77 -32.71
C GLY A 357 19.22 13.35 -32.31
N HIS A 358 19.20 13.07 -31.02
CA HIS A 358 18.84 11.72 -30.58
C HIS A 358 17.34 11.57 -30.65
N ALA A 359 16.87 10.64 -31.49
CA ALA A 359 15.43 10.40 -31.60
C ALA A 359 14.96 9.99 -30.20
N SER A 360 14.41 10.95 -29.46
CA SER A 360 13.98 10.70 -28.08
C SER A 360 12.47 10.64 -27.91
N TYR A 361 12.02 9.68 -27.12
CA TYR A 361 10.60 9.52 -26.85
C TYR A 361 10.35 9.25 -25.38
N SER A 362 9.17 9.60 -24.90
CA SER A 362 8.81 9.36 -23.51
C SER A 362 7.33 9.69 -23.22
N THR A 363 6.96 9.56 -21.96
CA THR A 363 5.58 9.80 -21.55
C THR A 363 5.53 10.91 -20.53
N LEU A 364 4.36 11.52 -20.36
CA LEU A 364 4.18 12.60 -19.40
C LEU A 364 2.73 12.63 -18.92
N HIS A 365 2.53 12.70 -17.60
CA HIS A 365 1.18 12.74 -17.05
C HIS A 365 0.57 14.14 -17.16
N ALA A 366 -0.36 14.31 -18.10
CA ALA A 366 -1.04 15.60 -18.31
C ALA A 366 -2.26 15.48 -19.24
N GLY A 367 -3.14 16.48 -19.21
CA GLY A 367 -4.35 16.42 -20.01
C GLY A 367 -4.38 17.13 -21.35
N ASP A 368 -3.52 18.13 -21.51
CA ASP A 368 -3.47 18.89 -22.76
C ASP A 368 -2.11 19.56 -22.86
N ILE A 369 -1.75 20.00 -24.06
CA ILE A 369 -0.45 20.62 -24.26
C ILE A 369 -0.16 21.75 -23.29
N ASN A 370 -1.19 22.37 -22.77
CA ASN A 370 -0.94 23.44 -21.82
C ASN A 370 -0.42 22.87 -20.52
N GLN A 371 -1.06 21.82 -20.03
CA GLN A 371 -0.59 21.20 -18.81
C GLN A 371 0.80 20.60 -19.08
N VAL A 373 3.11 21.63 -21.08
CA VAL A 373 4.09 22.69 -21.00
C VAL A 373 4.35 23.09 -19.56
N TYR A 374 3.30 23.28 -18.75
CA TYR A 374 3.48 23.67 -17.37
C TYR A 374 4.34 22.67 -16.60
N ARG A 375 3.94 21.41 -16.60
CA ARG A 375 4.69 20.37 -15.91
C ARG A 375 6.16 20.32 -16.33
N LEU A 376 6.41 20.37 -17.63
CA LEU A 376 7.77 20.32 -18.16
C LEU A 376 8.64 21.52 -17.76
N GLU A 377 8.04 22.71 -17.77
CA GLU A 377 8.77 23.93 -17.44
C GLU A 377 9.02 24.11 -15.95
N SER A 378 8.02 23.78 -15.14
CA SER A 378 8.14 23.94 -13.70
C SER A 378 8.85 22.79 -13.01
N GLU A 379 9.38 23.08 -11.82
CA GLU A 379 10.09 22.08 -11.02
C GLU A 379 9.05 20.99 -10.76
N PRO A 380 9.47 19.73 -10.57
CA PRO A 380 10.80 19.11 -10.54
C PRO A 380 11.48 18.97 -11.90
N LEU A 381 10.67 18.85 -12.95
CA LEU A 381 11.19 18.70 -14.32
C LEU A 381 12.07 19.86 -14.70
N LYS A 382 11.54 21.07 -14.53
CA LYS A 382 12.26 22.29 -14.83
C LYS A 382 13.03 22.25 -16.14
N VAL A 383 12.31 22.04 -17.24
CA VAL A 383 12.91 22.02 -18.56
C VAL A 383 12.83 23.45 -19.08
N PRO A 384 13.97 24.05 -19.40
CA PRO A 384 14.02 25.43 -19.88
C PRO A 384 13.15 25.76 -21.10
N ARG A 385 12.31 26.78 -20.93
CA ARG A 385 11.37 27.26 -21.94
C ARG A 385 11.86 27.09 -23.38
N SER A 386 13.06 27.60 -23.65
CA SER A 386 13.65 27.54 -24.99
C SER A 386 13.97 26.14 -25.54
N LEU A 388 12.04 23.47 -25.39
CA LEU A 388 10.85 22.80 -25.92
C LEU A 388 10.80 22.72 -27.43
N GLN A 389 11.53 23.59 -28.10
CA GLN A 389 11.54 23.60 -29.57
C GLN A 389 12.03 22.31 -30.18
N PHE A 390 12.80 21.53 -29.44
CA PHE A 390 13.33 20.29 -29.99
C PHE A 390 12.39 19.11 -29.95
N LEU A 391 11.22 19.30 -29.36
CA LEU A 391 10.22 18.25 -29.32
C LEU A 391 9.51 18.44 -30.66
N ASP A 392 9.27 17.33 -31.36
CA ASP A 392 8.62 17.37 -32.66
C ASP A 392 7.11 17.15 -32.60
N ILE A 393 6.73 15.98 -32.10
CA ILE A 393 5.32 15.61 -32.00
C ILE A 393 4.93 15.30 -30.55
N ALA A 394 3.69 15.57 -30.22
CA ALA A 394 3.19 15.31 -28.89
C ALA A 394 1.79 14.77 -29.07
N LEU A 395 1.59 13.49 -28.75
CA LEU A 395 0.28 12.88 -28.89
C LEU A 395 -0.49 13.07 -27.61
N VAL A 396 -1.82 13.14 -27.69
CA VAL A 396 -2.64 13.27 -26.49
C VAL A 396 -3.64 12.10 -26.48
N GLN A 397 -3.48 11.22 -25.48
CA GLN A 397 -4.34 10.04 -25.34
C GLN A 397 -5.52 10.29 -24.39
N THR A 398 -6.60 9.54 -24.58
CA THR A 398 -7.81 9.69 -23.75
C THR A 398 -8.54 8.40 -23.43
N TRP A 400 -12.59 7.19 -22.94
CA TRP A 400 -13.92 7.68 -23.23
C TRP A 400 -14.92 6.59 -22.87
N VAL A 401 -15.93 6.94 -22.07
CA VAL A 401 -16.90 5.94 -21.64
C VAL A 401 -18.37 6.36 -21.75
N ARG A 402 -19.25 5.38 -21.96
CA ARG A 402 -20.69 5.60 -22.06
C ARG A 402 -21.41 4.43 -21.39
N GLY A 403 -21.73 3.38 -22.16
CA GLY A 403 -22.36 2.20 -21.57
C GLY A 403 -21.17 1.50 -20.93
N ASN A 404 -20.84 0.29 -21.38
CA ASN A 404 -19.66 -0.37 -20.86
C ASN A 404 -18.63 0.02 -21.91
N THR A 405 -19.04 0.99 -22.72
CA THR A 405 -18.24 1.55 -23.79
C THR A 405 -16.92 2.06 -23.21
N ARG A 406 -15.90 1.21 -23.23
CA ARG A 406 -14.57 1.59 -22.75
C ARG A 406 -13.68 1.92 -23.95
N LEU A 407 -13.36 3.19 -24.13
CA LEU A 407 -12.56 3.61 -25.27
C LEU A 407 -11.30 4.40 -24.96
N ARG A 408 -10.21 4.00 -25.62
CA ARG A 408 -8.93 4.68 -25.49
C ARG A 408 -8.68 5.22 -26.89
N ARG A 409 -8.52 6.53 -26.98
CA ARG A 409 -8.33 7.15 -28.26
C ARG A 409 -7.23 8.17 -28.27
N THR A 410 -6.63 8.41 -29.43
CA THR A 410 -5.62 9.42 -29.51
C THR A 410 -6.49 10.66 -29.72
N LYS A 411 -6.60 11.47 -28.68
CA LYS A 411 -7.43 12.66 -28.77
C LYS A 411 -6.84 13.60 -29.78
N GLU A 412 -5.52 13.72 -29.83
CA GLU A 412 -4.91 14.62 -30.81
C GLU A 412 -3.43 14.43 -31.15
N VAL A 413 -3.08 14.70 -32.40
CA VAL A 413 -1.71 14.57 -32.89
C VAL A 413 -1.17 15.97 -33.05
N ASN A 414 -0.42 16.44 -32.07
CA ASN A 414 0.11 17.79 -32.14
C ASN A 414 1.54 17.90 -32.63
N GLU A 415 1.69 18.73 -33.65
CA GLU A 415 2.98 18.98 -34.25
C GLU A 415 3.53 20.26 -33.66
N ILE A 416 4.65 20.15 -32.95
CA ILE A 416 5.27 21.33 -32.34
C ILE A 416 6.20 21.96 -33.34
N LEU A 417 5.77 23.06 -33.94
CA LEU A 417 6.55 23.77 -34.95
C LEU A 417 7.78 24.46 -34.42
N GLY A 418 7.71 24.96 -33.19
CA GLY A 418 8.87 25.63 -32.62
C GLY A 418 8.56 26.75 -31.66
N ILE A 419 9.59 27.57 -31.46
CA ILE A 419 9.52 28.71 -30.55
C ILE A 419 9.31 30.01 -31.32
N ASP A 420 8.78 31.00 -30.62
CA ASP A 420 8.57 32.30 -31.22
C ASP A 420 9.37 33.34 -30.45
N PRO A 421 10.09 34.21 -31.17
CA PRO A 421 10.89 35.27 -30.52
C PRO A 421 9.91 36.41 -30.20
N VAL A 422 9.86 36.87 -28.94
CA VAL A 422 8.87 37.88 -28.54
C VAL A 422 7.63 37.04 -28.80
N ASP A 423 7.07 36.45 -27.76
CA ASP A 423 6.01 35.48 -28.01
C ASP A 423 4.84 35.19 -27.07
N LYS A 424 4.58 33.88 -27.06
CA LYS A 424 3.60 33.14 -26.29
C LYS A 424 4.42 31.83 -26.29
N ASN A 425 5.32 31.77 -27.27
CA ASN A 425 6.30 30.72 -27.50
C ASN A 425 6.03 29.40 -28.24
N LEU A 426 5.58 28.37 -27.52
CA LEU A 426 5.34 27.06 -28.14
C LEU A 426 4.39 27.08 -29.32
N LEU A 427 4.96 27.00 -30.52
CA LEU A 427 4.17 27.01 -31.73
C LEU A 427 3.68 25.59 -32.04
N VAL A 428 2.38 25.37 -31.92
CA VAL A 428 1.83 24.05 -32.19
C VAL A 428 0.84 24.00 -33.33
N ASN A 429 1.06 23.05 -34.25
CA ASN A 429 0.15 22.89 -35.36
C ASN A 429 -0.60 21.57 -35.16
N GLN A 430 -1.90 21.65 -34.91
CA GLN A 430 -2.69 20.45 -34.68
C GLN A 430 -3.12 19.78 -35.98
N PHE A 431 -2.52 18.63 -36.21
CA PHE A 431 -2.75 17.81 -37.39
C PHE A 431 -4.08 17.07 -37.32
N VAL A 432 -4.22 16.19 -36.33
CA VAL A 432 -5.43 15.39 -36.16
C VAL A 432 -6.10 15.68 -34.84
N LYS A 433 -7.44 15.63 -34.87
CA LYS A 433 -8.30 15.87 -33.71
C LYS A 433 -9.30 14.72 -33.67
N TRP A 434 -9.73 14.33 -32.47
CA TRP A 434 -10.71 13.25 -32.39
C TRP A 434 -12.07 13.75 -32.00
N ASP A 435 -13.07 13.51 -32.83
CA ASP A 435 -14.42 13.93 -32.47
C ASP A 435 -15.05 12.73 -31.81
N PRO A 436 -15.51 12.88 -30.56
CA PRO A 436 -16.14 11.83 -29.77
C PRO A 436 -17.61 11.61 -30.12
N LYS A 437 -18.24 12.66 -30.67
CA LYS A 437 -19.65 12.58 -31.07
C LYS A 437 -19.88 11.51 -32.14
N GLU A 438 -18.92 11.36 -33.04
CA GLU A 438 -19.03 10.37 -34.11
C GLU A 438 -17.90 9.34 -34.03
N ASP A 439 -17.04 9.50 -33.03
CA ASP A 439 -15.88 8.62 -32.87
C ASP A 439 -15.14 8.60 -34.21
N LYS A 440 -14.59 9.75 -34.58
CA LYS A 440 -13.88 9.89 -35.83
C LYS A 440 -12.69 10.81 -35.63
N HIS A 441 -11.63 10.55 -36.38
CA HIS A 441 -10.42 11.36 -36.32
C HIS A 441 -10.48 12.34 -37.48
N ILE A 442 -10.44 13.63 -37.18
CA ILE A 442 -10.52 14.64 -38.22
C ILE A 442 -9.22 15.38 -38.46
N GLU A 443 -8.87 15.58 -39.72
CA GLU A 443 -7.68 16.33 -40.03
C GLU A 443 -8.09 17.78 -39.90
N VAL A 444 -7.38 18.51 -39.07
CA VAL A 444 -7.73 19.90 -38.84
C VAL A 444 -6.61 20.85 -39.22
N SER A 445 -5.64 20.32 -39.98
CA SER A 445 -4.51 21.08 -40.48
C SER A 445 -3.61 20.13 -41.28
N PRO A 447 -0.10 18.08 -42.28
CA PRO A 447 0.96 17.46 -41.49
C PRO A 447 2.27 18.13 -41.89
N LYS A 448 2.53 19.32 -41.35
CA LYS A 448 3.74 20.05 -41.69
C LYS A 448 5.00 19.21 -41.60
N LYS A 449 5.14 18.42 -40.53
CA LYS A 449 6.32 17.58 -40.37
C LYS A 449 6.69 16.79 -41.63
N LEU A 450 5.70 16.49 -42.46
CA LEU A 450 5.96 15.75 -43.68
C LEU A 450 6.84 16.60 -44.58
N GLU A 451 6.75 17.92 -44.43
CA GLU A 451 7.55 18.83 -45.26
C GLU A 451 9.01 18.82 -44.79
N LYS A 452 9.20 18.73 -43.48
CA LYS A 452 10.54 18.68 -42.91
C LYS A 452 11.21 17.39 -43.34
N ALA A 454 10.68 15.89 -46.39
CA ALA A 454 11.09 16.06 -47.76
C ALA A 454 12.43 16.74 -47.75
N ASP A 455 12.60 17.68 -46.82
CA ASP A 455 13.85 18.42 -46.69
C ASP A 455 15.00 17.51 -46.23
N PHE A 456 14.70 16.66 -45.26
CA PHE A 456 15.68 15.72 -44.75
C PHE A 456 16.01 14.84 -45.96
N LEU A 457 15.08 13.95 -46.30
CA LEU A 457 15.22 13.04 -47.42
C LEU A 457 15.76 13.63 -48.72
N GLY A 458 15.45 14.89 -48.99
CA GLY A 458 15.91 15.48 -50.23
C GLY A 458 15.00 15.16 -51.41
N VAL A 459 13.71 14.97 -51.12
CA VAL A 459 12.70 14.67 -52.13
C VAL A 459 11.57 15.66 -52.00
N SER A 460 10.51 15.46 -52.76
CA SER A 460 9.35 16.34 -52.71
C SER A 460 8.35 15.86 -51.68
N VAL A 461 7.37 16.71 -51.37
CA VAL A 461 6.34 16.37 -50.40
C VAL A 461 5.46 15.28 -50.95
N GLN A 462 4.94 15.51 -52.15
CA GLN A 462 4.07 14.54 -52.79
C GLN A 462 4.71 13.18 -52.73
N GLU A 463 6.03 13.17 -52.89
CA GLU A 463 6.77 11.93 -52.87
C GLU A 463 6.67 11.24 -51.52
N VAL A 464 6.90 12.02 -50.46
CA VAL A 464 6.82 11.51 -49.10
C VAL A 464 5.39 11.05 -48.86
N TYR A 465 4.46 11.95 -49.21
CA TYR A 465 3.04 11.70 -49.03
C TYR A 465 2.67 10.39 -49.67
N ASP A 466 3.37 10.08 -50.76
CA ASP A 466 3.14 8.84 -51.47
C ASP A 466 3.56 7.65 -50.60
N GLU A 467 4.75 7.74 -50.01
CA GLU A 467 5.25 6.67 -49.16
C GLU A 467 4.33 6.50 -47.95
N LEU A 469 1.09 6.99 -47.77
CA LEU A 469 -0.06 6.25 -48.26
C LEU A 469 0.30 4.80 -48.49
N SER A 470 1.56 4.58 -48.83
CA SER A 470 2.07 3.25 -49.09
C SER A 470 2.18 2.47 -47.78
N ARG A 471 2.90 3.04 -46.82
CA ARG A 471 3.09 2.44 -45.51
C ARG A 471 1.73 2.22 -44.88
N LYS A 472 0.80 3.13 -45.15
CA LYS A 472 -0.57 3.05 -44.63
C LYS A 472 -1.29 1.82 -45.13
N ARG A 473 -1.11 1.53 -46.41
CA ARG A 473 -1.74 0.39 -47.04
C ARG A 473 -1.17 -0.87 -46.39
N TYR A 474 0.14 -0.91 -46.29
CA TYR A 474 0.82 -2.04 -45.70
C TYR A 474 0.22 -2.40 -44.34
N LEU A 475 -0.06 -1.39 -43.51
CA LEU A 475 -0.63 -1.65 -42.20
C LEU A 475 -2.04 -2.19 -42.32
N GLU A 476 -2.87 -1.55 -43.13
CA GLU A 476 -4.25 -2.02 -43.26
C GLU A 476 -4.29 -3.46 -43.74
N LEU A 477 -3.29 -3.87 -44.52
CA LEU A 477 -3.23 -5.25 -45.01
C LEU A 477 -2.90 -6.20 -43.86
N LEU A 479 -3.55 -5.81 -41.03
CA LEU A 479 -4.77 -5.86 -40.24
C LEU A 479 -5.70 -6.90 -40.83
N LYS A 480 -6.04 -6.74 -42.11
CA LYS A 480 -6.94 -7.65 -42.79
C LYS A 480 -6.47 -9.09 -42.64
N ARG A 481 -5.16 -9.31 -42.69
CA ARG A 481 -4.61 -10.66 -42.56
C ARG A 481 -4.46 -11.10 -41.12
N GLY A 482 -5.02 -10.34 -40.19
CA GLY A 482 -4.93 -10.72 -38.79
C GLY A 482 -3.53 -10.89 -38.20
N ILE A 483 -2.62 -10.00 -38.54
CA ILE A 483 -1.27 -10.05 -38.01
C ILE A 483 -1.28 -9.08 -36.83
N ARG A 484 -1.63 -9.60 -35.65
CA ARG A 484 -1.76 -8.81 -34.43
C ARG A 484 -0.59 -8.79 -33.45
N ASN A 485 -0.01 -9.96 -33.16
CA ASN A 485 1.10 -10.10 -32.20
C ASN A 485 2.24 -9.13 -32.45
N TYR A 486 2.97 -8.77 -31.40
CA TYR A 486 4.05 -7.82 -31.57
C TYR A 486 5.27 -8.45 -32.19
N LYS A 487 5.52 -9.70 -31.84
CA LYS A 487 6.68 -10.41 -32.38
C LYS A 487 6.51 -10.54 -33.90
N GLU A 488 5.32 -10.92 -34.34
CA GLU A 488 5.05 -11.08 -35.76
C GLU A 488 4.95 -9.71 -36.44
N VAL A 489 4.34 -8.74 -35.76
CA VAL A 489 4.20 -7.41 -36.34
C VAL A 489 5.59 -6.79 -36.56
N THR A 490 6.44 -6.83 -35.53
CA THR A 490 7.76 -6.26 -35.68
C THR A 490 8.52 -6.91 -36.83
N ARG A 491 8.19 -8.16 -37.12
CA ARG A 491 8.88 -8.86 -38.21
C ARG A 491 8.51 -8.32 -39.58
N TYR A 492 7.22 -8.05 -39.76
CA TYR A 492 6.72 -7.54 -41.03
C TYR A 492 7.03 -6.07 -41.25
N ILE A 493 7.30 -5.36 -40.17
CA ILE A 493 7.64 -3.95 -40.27
C ILE A 493 9.14 -3.91 -40.56
N HIS A 494 9.90 -4.71 -39.83
CA HIS A 494 11.32 -4.77 -40.09
C HIS A 494 11.42 -5.11 -41.56
N ALA A 495 10.56 -6.01 -42.00
CA ALA A 495 10.53 -6.42 -43.39
C ALA A 495 10.49 -5.22 -44.32
N TYR A 496 9.42 -4.45 -44.23
CA TYR A 496 9.21 -3.27 -45.06
C TYR A 496 10.44 -2.36 -45.10
N TYR A 497 11.09 -2.19 -43.96
CA TYR A 497 12.28 -1.36 -43.90
C TYR A 497 13.36 -1.92 -44.84
N ARG A 498 13.62 -3.23 -44.76
CA ARG A 498 14.65 -3.84 -45.61
C ARG A 498 14.41 -3.69 -47.09
N ASN A 499 13.18 -3.97 -47.51
CA ASN A 499 12.81 -3.86 -48.92
C ASN A 499 11.30 -3.67 -49.06
N PRO A 500 10.85 -2.43 -49.14
CA PRO A 500 9.42 -2.17 -49.28
C PRO A 500 8.77 -2.89 -50.46
N GLU A 501 9.51 -3.03 -51.55
CA GLU A 501 8.99 -3.68 -52.74
C GLU A 501 8.61 -5.13 -52.44
N LEU A 502 9.61 -5.93 -52.10
CA LEU A 502 9.40 -7.34 -51.78
C LEU A 502 8.43 -7.50 -50.61
N ALA A 503 8.53 -6.60 -49.64
CA ALA A 503 7.66 -6.65 -48.48
C ALA A 503 6.21 -6.56 -48.91
N THR A 505 4.74 -7.11 -51.77
CA THR A 505 4.25 -8.23 -52.56
C THR A 505 3.92 -9.44 -51.72
N LYS A 506 4.76 -9.78 -50.76
CA LYS A 506 4.46 -10.93 -49.91
C LYS A 506 3.15 -10.65 -49.18
N GLU A 508 0.55 -8.85 -50.08
CA GLU A 508 -0.58 -9.01 -50.97
C GLU A 508 -0.78 -10.45 -51.41
N GLU A 509 0.22 -11.29 -51.15
CA GLU A 509 0.16 -12.69 -51.52
C GLU A 509 0.24 -13.54 -50.24
N GLY A 510 -0.65 -13.23 -49.30
CA GLY A 510 -0.70 -13.93 -48.03
C GLY A 510 0.49 -14.77 -47.59
N LEU A 511 1.69 -14.21 -47.62
CA LEU A 511 2.87 -14.93 -47.20
C LEU A 511 3.73 -14.01 -46.35
N HIS B 5 -3.35 -9.47 29.76
CA HIS B 5 -2.59 -9.38 31.05
C HIS B 5 -3.45 -9.82 32.23
N TYR B 6 -4.56 -9.12 32.46
CA TYR B 6 -5.43 -9.45 33.58
C TYR B 6 -6.20 -10.75 33.47
N ASP B 7 -6.49 -11.19 32.26
CA ASP B 7 -7.20 -12.46 32.12
C ASP B 7 -6.27 -13.53 32.65
N ILE B 8 -4.98 -13.35 32.37
CA ILE B 8 -3.98 -14.30 32.84
C ILE B 8 -4.04 -14.27 34.35
N LEU B 9 -3.89 -13.08 34.92
CA LEU B 9 -3.94 -12.90 36.36
C LEU B 9 -5.22 -13.53 36.91
N ARG B 10 -6.36 -13.06 36.43
CA ARG B 10 -7.66 -13.57 36.88
C ARG B 10 -7.66 -15.10 36.98
N ARG B 11 -6.74 -15.74 36.27
CA ARG B 11 -6.63 -17.18 36.30
C ARG B 11 -6.10 -17.58 37.66
N HIS B 12 -4.81 -17.31 37.88
CA HIS B 12 -4.15 -17.64 39.14
C HIS B 12 -4.72 -16.93 40.37
N ILE B 13 -5.54 -15.89 40.16
CA ILE B 13 -6.14 -15.12 41.25
C ILE B 13 -6.09 -15.81 42.59
N ARG B 14 -6.75 -16.97 42.68
CA ARG B 14 -6.80 -17.80 43.89
C ARG B 14 -7.84 -17.25 44.88
N SER B 15 -8.63 -16.29 44.45
CA SER B 15 -9.66 -15.68 45.28
C SER B 15 -10.14 -14.36 44.71
N GLU B 16 -11.25 -13.86 45.24
CA GLU B 16 -11.80 -12.59 44.79
C GLU B 16 -12.18 -11.78 46.03
N ASP B 17 -12.79 -10.62 45.85
CA ASP B 17 -13.15 -9.77 46.98
C ASP B 17 -11.86 -9.34 47.69
N LEU B 18 -11.08 -8.51 47.00
CA LEU B 18 -9.80 -8.01 47.50
C LEU B 18 -9.93 -6.53 47.81
N LEU B 19 -11.04 -5.94 47.38
CA LEU B 19 -11.28 -4.53 47.62
C LEU B 19 -12.21 -4.27 48.79
N GLU B 20 -11.87 -3.24 49.56
CA GLU B 20 -12.68 -2.84 50.70
C GLU B 20 -13.65 -1.75 50.26
N THR B 21 -13.98 -0.85 51.17
CA THR B 21 -14.88 0.25 50.87
C THR B 21 -14.28 1.53 51.46
N PRO B 22 -13.88 2.47 50.59
CA PRO B 22 -13.28 3.75 50.96
C PRO B 22 -14.02 4.55 52.03
N GLU B 23 -13.30 5.48 52.63
CA GLU B 23 -13.79 6.33 53.72
C GLU B 23 -13.74 7.83 53.39
N PHE B 24 -14.59 8.29 52.48
CA PHE B 24 -14.58 9.70 52.12
C PHE B 24 -15.38 10.54 53.12
N GLY B 25 -14.68 11.32 53.95
CA GLY B 25 -15.36 12.14 54.93
C GLY B 25 -16.41 13.03 54.31
N SER B 26 -17.17 13.76 55.12
CA SER B 26 -18.18 14.67 54.60
C SER B 26 -17.48 15.72 53.75
N GLY B 27 -18.25 16.44 52.94
CA GLY B 27 -17.63 17.42 52.06
C GLY B 27 -17.11 16.59 50.90
N SER B 28 -17.54 15.32 50.91
CA SER B 28 -17.19 14.32 49.92
C SER B 28 -18.38 13.39 49.74
N ARG B 29 -18.77 13.16 48.49
CA ARG B 29 -19.93 12.33 48.16
C ARG B 29 -19.68 11.53 46.89
N ILE B 30 -19.78 10.21 46.98
CA ILE B 30 -19.57 9.40 45.78
C ILE B 30 -20.56 9.79 44.71
N VAL B 31 -20.06 9.95 43.49
CA VAL B 31 -20.90 10.33 42.36
C VAL B 31 -21.12 9.13 41.45
N GLU B 32 -20.11 8.25 41.42
CA GLU B 32 -20.20 7.07 40.60
C GLU B 32 -19.03 6.14 40.89
N GLU B 33 -19.31 4.84 40.79
CA GLU B 33 -18.31 3.81 41.04
C GLU B 33 -18.36 2.81 39.89
N TYR B 34 -17.25 2.12 39.63
CA TYR B 34 -17.23 1.15 38.55
C TYR B 34 -15.92 0.40 38.41
N TRP B 35 -16.03 -0.90 38.21
CA TRP B 35 -14.84 -1.72 38.07
C TRP B 35 -14.04 -1.26 36.88
N ILE B 36 -12.72 -1.24 37.03
CA ILE B 36 -11.86 -0.90 35.92
C ILE B 36 -11.47 -2.28 35.44
N GLN B 37 -11.10 -3.13 36.39
CA GLN B 37 -10.72 -4.51 36.10
C GLN B 37 -10.97 -5.38 37.33
N GLU B 38 -12.22 -5.85 37.50
CA GLU B 38 -12.53 -6.67 38.66
C GLU B 38 -11.84 -8.02 38.67
N PRO B 39 -11.57 -8.54 39.87
CA PRO B 39 -11.90 -7.89 41.15
C PRO B 39 -10.80 -7.05 41.80
N PHE B 40 -9.88 -6.51 41.00
CA PHE B 40 -8.76 -5.74 41.54
C PHE B 40 -8.94 -4.23 41.63
N THR B 41 -9.07 -3.60 40.47
CA THR B 41 -9.21 -2.15 40.38
C THR B 41 -10.66 -1.68 40.29
N LYS B 42 -10.87 -0.42 40.64
CA LYS B 42 -12.19 0.17 40.61
C LYS B 42 -12.04 1.70 40.69
N ALA B 43 -12.82 2.43 39.88
CA ALA B 43 -12.76 3.89 39.90
C ALA B 43 -13.93 4.44 40.68
N ILE B 44 -13.68 5.47 41.47
CA ILE B 44 -14.75 6.07 42.25
C ILE B 44 -14.70 7.57 42.11
N ILE B 45 -15.58 8.11 41.27
CA ILE B 45 -15.65 9.54 41.05
C ILE B 45 -16.26 10.11 42.32
N VAL B 46 -15.48 10.89 43.07
CA VAL B 46 -15.99 11.46 44.30
C VAL B 46 -16.13 12.96 44.21
N GLU B 47 -17.24 13.48 44.73
CA GLU B 47 -17.49 14.90 44.67
C GLU B 47 -17.14 15.66 45.95
N ASN B 48 -16.06 16.43 45.92
CA ASN B 48 -15.70 17.26 47.07
C ASN B 48 -16.60 18.47 46.88
N GLU B 49 -17.85 18.33 47.34
CA GLU B 49 -18.88 19.36 47.22
C GLU B 49 -18.51 20.74 47.76
N ASP B 50 -17.50 20.81 48.63
CA ASP B 50 -17.06 22.09 49.18
C ASP B 50 -16.41 22.88 48.03
N GLU B 51 -15.66 22.16 47.20
CA GLU B 51 -14.96 22.72 46.06
C GLU B 51 -15.71 22.43 44.76
N PHE B 52 -16.99 22.13 44.89
CA PHE B 52 -17.85 21.84 43.75
C PHE B 52 -17.17 21.20 42.53
N ARG B 53 -16.37 20.16 42.76
CA ARG B 53 -15.70 19.47 41.67
C ARG B 53 -15.59 18.00 42.00
N ASN B 54 -15.28 17.17 41.01
CA ASN B 54 -15.12 15.73 41.25
C ASN B 54 -13.63 15.42 41.43
N VAL B 55 -13.30 14.18 41.77
CA VAL B 55 -11.89 13.80 41.95
C VAL B 55 -11.61 12.31 41.83
N TYR B 56 -11.36 11.86 40.61
CA TYR B 56 -11.06 10.47 40.32
C TYR B 56 -10.19 9.74 41.35
N TYR B 57 -10.74 8.67 41.94
CA TYR B 57 -10.04 7.84 42.92
C TYR B 57 -9.72 6.46 42.35
N ALA B 58 -8.45 6.18 42.08
CA ALA B 58 -8.08 4.88 41.55
C ALA B 58 -8.09 3.95 42.75
N LEU B 59 -8.99 2.98 42.75
CA LEU B 59 -9.07 2.06 43.87
C LEU B 59 -8.41 0.72 43.58
N GLU B 60 -7.43 0.37 44.39
CA GLU B 60 -6.70 -0.88 44.25
C GLU B 60 -6.84 -1.74 45.50
N PRO B 61 -6.53 -3.05 45.38
CA PRO B 61 -6.63 -3.96 46.53
C PRO B 61 -5.79 -3.48 47.70
N THR B 62 -6.46 -3.26 48.83
CA THR B 62 -5.82 -2.75 50.06
C THR B 62 -4.75 -3.63 50.71
N VAL B 63 -3.69 -2.97 51.20
CA VAL B 63 -2.59 -3.63 51.87
C VAL B 63 -2.14 -2.81 53.07
N SER B 64 -1.57 -3.47 54.07
CA SER B 64 -1.10 -2.79 55.27
C SER B 64 0.38 -2.46 55.21
N SER B 65 0.79 -1.51 56.05
CA SER B 65 2.18 -1.10 56.12
C SER B 65 3.05 -2.34 56.22
N GLU B 66 2.54 -3.37 56.90
CA GLU B 66 3.28 -4.62 57.06
C GLU B 66 3.24 -5.45 55.79
N GLU B 67 2.03 -5.60 55.24
CA GLU B 67 1.82 -6.39 54.03
C GLU B 67 2.65 -5.91 52.85
N ALA B 68 2.44 -4.64 52.47
CA ALA B 68 3.17 -4.06 51.35
C ALA B 68 4.68 -4.31 51.53
N GLU B 69 5.14 -4.23 52.77
CA GLU B 69 6.55 -4.46 53.06
C GLU B 69 6.90 -5.89 52.64
N VAL B 70 5.99 -6.83 52.88
CA VAL B 70 6.22 -8.22 52.53
C VAL B 70 6.21 -8.37 51.02
N ILE B 71 5.28 -7.69 50.38
CA ILE B 71 5.16 -7.73 48.92
C ILE B 71 6.49 -7.28 48.34
N SER B 72 6.85 -6.04 48.65
CA SER B 72 8.09 -5.44 48.18
C SER B 72 9.26 -6.39 48.37
N ALA B 73 9.19 -7.22 49.42
CA ALA B 73 10.25 -8.18 49.70
C ALA B 73 10.39 -9.23 48.59
N LEU B 74 9.26 -9.77 48.14
CA LEU B 74 9.25 -10.77 47.07
C LEU B 74 9.70 -10.14 45.77
N TYR B 75 9.26 -8.91 45.51
CA TYR B 75 9.62 -8.20 44.29
C TYR B 75 11.12 -8.12 44.12
N ASP B 76 11.82 -7.93 45.24
CA ASP B 76 13.27 -7.83 45.23
C ASP B 76 13.90 -9.12 44.73
N ASP B 77 13.38 -10.26 45.19
CA ASP B 77 13.90 -11.55 44.76
C ASP B 77 13.51 -11.80 43.32
N LEU B 78 12.21 -11.83 43.07
CA LEU B 78 11.67 -12.04 41.74
C LEU B 78 12.35 -11.11 40.74
N LYS B 79 12.72 -9.92 41.22
CA LYS B 79 13.40 -8.93 40.38
C LYS B 79 14.65 -9.52 39.73
N LYS B 80 15.31 -10.44 40.44
CA LYS B 80 16.52 -11.10 39.95
C LYS B 80 16.26 -11.79 38.61
N ILE B 81 15.12 -12.45 38.53
CA ILE B 81 14.71 -13.15 37.31
C ILE B 81 14.62 -12.11 36.19
N LEU B 82 15.22 -12.40 35.05
CA LEU B 82 15.19 -11.48 33.93
C LEU B 82 14.03 -11.78 32.99
N VAL B 83 13.81 -13.06 32.72
CA VAL B 83 12.75 -13.51 31.84
C VAL B 83 11.45 -12.74 32.02
N LEU B 84 10.88 -12.80 33.22
CA LEU B 84 9.61 -12.12 33.49
C LEU B 84 9.62 -10.61 33.26
N GLN B 85 10.80 -10.02 33.17
CA GLN B 85 10.91 -8.58 32.93
C GLN B 85 11.43 -8.33 31.51
N ASP B 86 11.29 -9.35 30.67
CA ASP B 86 11.73 -9.30 29.27
C ASP B 86 10.52 -9.18 28.36
N VAL B 87 10.51 -8.12 27.56
CA VAL B 87 9.41 -7.83 26.63
C VAL B 87 9.24 -8.82 25.47
N SER B 88 10.34 -9.37 24.97
CA SER B 88 10.31 -10.31 23.86
C SER B 88 9.62 -11.63 24.20
N VAL B 89 9.39 -11.84 25.48
CA VAL B 89 8.74 -13.06 25.96
C VAL B 89 7.23 -12.94 26.02
N ASP B 90 6.57 -14.06 25.80
CA ASP B 90 5.12 -14.14 25.81
C ASP B 90 4.65 -13.88 27.24
N LEU B 91 3.83 -12.85 27.42
CA LEU B 91 3.31 -12.50 28.73
C LEU B 91 2.79 -13.72 29.47
N GLU B 92 2.09 -14.59 28.75
CA GLU B 92 1.52 -15.79 29.35
C GLU B 92 2.51 -16.72 30.05
N GLU B 93 3.62 -17.07 29.39
CA GLU B 93 4.57 -17.97 30.02
C GLU B 93 5.42 -17.31 31.09
N ARG B 94 5.71 -16.02 30.95
CA ARG B 94 6.50 -15.35 31.98
C ARG B 94 5.57 -14.98 33.12
N ALA B 95 4.27 -15.17 32.88
CA ALA B 95 3.27 -14.89 33.91
C ALA B 95 3.27 -16.10 34.84
N GLU B 96 3.74 -17.22 34.31
CA GLU B 96 3.84 -18.45 35.07
C GLU B 96 5.23 -18.51 35.71
N VAL B 97 6.24 -18.08 34.96
CA VAL B 97 7.60 -18.06 35.46
C VAL B 97 7.54 -17.28 36.77
N LEU B 98 6.48 -16.49 36.91
CA LEU B 98 6.27 -15.67 38.10
C LEU B 98 5.58 -16.50 39.18
N VAL B 99 4.42 -17.06 38.86
CA VAL B 99 3.70 -17.86 39.84
C VAL B 99 4.48 -19.11 40.26
N ARG B 100 5.14 -19.74 39.30
CA ARG B 100 5.93 -20.94 39.59
C ARG B 100 7.15 -20.59 40.45
N ALA B 101 7.60 -19.33 40.34
CA ALA B 101 8.74 -18.85 41.10
C ALA B 101 8.33 -18.41 42.50
N ILE B 102 7.12 -17.87 42.63
CA ILE B 102 6.64 -17.45 43.93
C ILE B 102 6.35 -18.71 44.74
N GLU B 103 6.08 -19.80 44.03
CA GLU B 103 5.81 -21.08 44.69
C GLU B 103 7.08 -21.49 45.39
N LYS B 104 8.20 -21.41 44.67
CA LYS B 104 9.50 -21.74 45.22
C LYS B 104 9.72 -20.95 46.49
N LEU B 105 10.12 -19.69 46.35
CA LEU B 105 10.38 -18.80 47.48
C LEU B 105 9.41 -19.00 48.65
N SER B 106 8.17 -19.32 48.36
CA SER B 106 7.16 -19.54 49.39
C SER B 106 7.44 -20.82 50.18
N LYS B 107 7.20 -21.97 49.57
CA LYS B 107 7.41 -23.27 50.22
C LYS B 107 8.79 -23.41 50.82
N GLU B 108 9.79 -22.80 50.18
CA GLU B 108 11.14 -22.87 50.68
C GLU B 108 11.26 -22.19 52.03
N TYR B 109 10.95 -20.89 52.07
CA TYR B 109 11.01 -20.15 53.32
C TYR B 109 9.93 -20.70 54.29
N ALA B 110 9.33 -21.82 53.89
CA ALA B 110 8.30 -22.47 54.69
C ALA B 110 7.19 -21.55 55.17
N VAL B 111 6.46 -20.96 54.22
CA VAL B 111 5.36 -20.06 54.57
C VAL B 111 4.21 -20.20 53.59
N SER B 112 3.00 -20.07 54.11
CA SER B 112 1.79 -20.16 53.29
C SER B 112 0.97 -18.91 53.56
N PHE B 113 0.75 -18.11 52.52
CA PHE B 113 -0.02 -16.88 52.67
C PHE B 113 -1.51 -17.14 52.68
N THR B 114 -2.28 -16.07 52.73
CA THR B 114 -3.74 -16.17 52.73
C THR B 114 -4.22 -16.26 51.28
N ASP B 115 -5.25 -17.07 51.05
CA ASP B 115 -5.81 -17.18 49.71
C ASP B 115 -6.11 -15.78 49.17
N ASN B 116 -6.45 -14.88 50.09
CA ASN B 116 -6.75 -13.51 49.71
C ASN B 116 -5.46 -12.72 49.49
N PHE B 117 -4.63 -12.62 50.52
CA PHE B 117 -3.40 -11.88 50.40
C PHE B 117 -2.58 -12.33 49.20
N TYR B 118 -2.93 -13.49 48.64
CA TYR B 118 -2.22 -13.97 47.46
C TYR B 118 -2.87 -13.28 46.28
N SER B 119 -4.19 -13.39 46.22
CA SER B 119 -4.99 -12.76 45.17
C SER B 119 -4.99 -11.27 45.47
N ARG B 120 -3.84 -10.75 45.85
CA ARG B 120 -3.72 -9.35 46.20
C ARG B 120 -2.28 -9.03 45.94
N LEU B 122 -0.44 -11.01 44.31
CA LEU B 122 -0.33 -11.39 42.92
C LEU B 122 -0.64 -10.20 42.03
N TYR B 123 -1.70 -9.48 42.38
CA TYR B 123 -2.08 -8.30 41.61
C TYR B 123 -0.91 -7.32 41.51
N TYR B 124 -0.33 -6.97 42.65
CA TYR B 124 0.77 -6.03 42.65
C TYR B 124 2.00 -6.49 41.90
N LEU B 125 2.35 -7.77 42.00
CA LEU B 125 3.52 -8.24 41.27
C LEU B 125 3.32 -8.11 39.77
N PHE B 126 2.17 -8.57 39.27
CA PHE B 126 1.90 -8.46 37.83
C PHE B 126 1.98 -6.99 37.40
N ARG B 127 1.30 -6.13 38.17
CA ARG B 127 1.25 -4.71 37.90
C ARG B 127 2.63 -4.09 37.72
N ASP B 128 3.45 -4.18 38.76
CA ASP B 128 4.79 -3.59 38.72
C ASP B 128 5.78 -4.32 37.83
N PHE B 129 5.42 -5.53 37.40
CA PHE B 129 6.30 -6.29 36.51
C PHE B 129 5.85 -6.15 35.05
N PHE B 130 4.60 -6.50 34.78
CA PHE B 130 4.05 -6.44 33.42
C PHE B 130 3.29 -5.15 33.11
N GLY B 131 2.42 -4.73 34.05
CA GLY B 131 1.62 -3.53 33.87
C GLY B 131 2.33 -2.19 33.85
N TYR B 132 1.60 -1.13 34.17
CA TYR B 132 2.18 0.21 34.19
C TYR B 132 2.43 0.76 35.58
N GLY B 133 2.44 -0.11 36.58
CA GLY B 133 2.70 0.33 37.94
C GLY B 133 1.68 1.29 38.51
N LEU B 134 2.15 2.22 39.35
CA LEU B 134 1.28 3.18 39.99
C LEU B 134 0.16 3.75 39.13
N ILE B 135 0.42 3.97 37.84
CA ILE B 135 -0.62 4.51 36.96
C ILE B 135 -1.40 3.45 36.19
N ASP B 136 -1.09 2.18 36.42
CA ASP B 136 -1.77 1.09 35.72
C ASP B 136 -3.28 1.29 35.69
N PRO B 137 -3.90 1.58 36.85
CA PRO B 137 -5.35 1.79 36.88
C PRO B 137 -5.80 2.83 35.87
N LEU B 138 -5.07 3.92 35.76
CA LEU B 138 -5.42 4.97 34.82
C LEU B 138 -5.16 4.45 33.40
N GLU B 140 -5.55 1.66 32.50
CA GLU B 140 -6.55 0.64 32.22
C GLU B 140 -7.93 1.23 31.96
N ASP B 141 -8.43 1.99 32.92
CA ASP B 141 -9.75 2.62 32.81
C ASP B 141 -10.01 3.20 31.42
N THR B 142 -10.87 2.53 30.67
CA THR B 142 -11.24 2.95 29.33
C THR B 142 -11.75 4.40 29.26
N ASN B 143 -12.17 4.95 30.39
CA ASN B 143 -12.68 6.31 30.38
C ASN B 143 -11.59 7.37 30.41
N VAL B 144 -10.43 7.03 30.94
CA VAL B 144 -9.36 8.00 30.97
C VAL B 144 -8.77 8.04 29.58
N GLU B 145 -8.65 9.24 29.02
CA GLU B 145 -8.11 9.41 27.69
C GLU B 145 -6.70 9.98 27.73
N ASP B 146 -6.43 10.77 28.77
CA ASP B 146 -5.13 11.37 28.93
C ASP B 146 -4.71 11.28 30.38
N ILE B 147 -3.41 11.25 30.60
CA ILE B 147 -2.84 11.17 31.92
C ILE B 147 -1.78 12.22 31.89
N SER B 148 -1.80 13.12 32.89
CA SER B 148 -0.83 14.20 32.96
C SER B 148 -0.22 14.31 34.35
N CYS B 149 1.08 14.03 34.47
CA CYS B 149 1.80 14.11 35.77
C CYS B 149 2.80 15.27 35.76
N ASP B 150 2.37 16.43 36.26
CA ASP B 150 3.20 17.64 36.24
C ASP B 150 4.55 17.66 36.95
N GLY B 151 4.67 17.02 38.09
CA GLY B 151 5.96 17.04 38.75
C GLY B 151 5.95 16.35 40.09
N TYR B 152 7.04 16.57 40.83
CA TYR B 152 7.21 15.99 42.15
C TYR B 152 6.10 16.44 43.11
N ASN B 153 5.44 15.48 43.75
CA ASN B 153 4.41 15.76 44.73
C ASN B 153 3.12 16.40 44.21
N ILE B 154 3.00 16.52 42.89
CA ILE B 154 1.79 17.10 42.29
C ILE B 154 0.89 15.97 41.79
N PRO B 155 -0.38 15.98 42.20
CA PRO B 155 -1.36 14.96 41.81
C PRO B 155 -1.51 14.81 40.30
N ILE B 156 -1.55 13.57 39.85
CA ILE B 156 -1.73 13.31 38.43
C ILE B 156 -3.13 13.80 38.08
N PHE B 157 -3.26 14.39 36.89
CA PHE B 157 -4.55 14.84 36.40
C PHE B 157 -4.83 14.00 35.16
N ILE B 158 -6.10 13.74 34.89
CA ILE B 158 -6.47 12.97 33.72
C ILE B 158 -7.64 13.63 33.03
N TYR B 159 -7.99 13.10 31.87
CA TYR B 159 -9.15 13.61 31.16
C TYR B 159 -10.10 12.43 31.08
N HIS B 160 -11.21 12.54 31.82
CA HIS B 160 -12.21 11.48 31.84
C HIS B 160 -13.26 11.72 30.78
N GLN B 161 -13.52 10.67 30.01
CA GLN B 161 -14.49 10.67 28.93
C GLN B 161 -15.86 11.23 29.34
N LYS B 162 -16.10 11.35 30.64
CA LYS B 162 -17.38 11.86 31.13
C LYS B 162 -17.24 13.07 32.06
N TYR B 163 -16.15 13.15 32.80
CA TYR B 163 -15.95 14.26 33.72
C TYR B 163 -14.87 15.22 33.25
N GLY B 164 -14.25 14.88 32.11
CA GLY B 164 -13.20 15.72 31.57
C GLY B 164 -12.04 15.87 32.53
N ASN B 165 -11.49 17.07 32.61
CA ASN B 165 -10.36 17.36 33.48
C ASN B 165 -10.76 17.06 34.92
N VAL B 166 -9.93 16.29 35.62
CA VAL B 166 -10.20 15.93 37.01
C VAL B 166 -8.92 15.64 37.78
N GLU B 167 -8.89 15.99 39.06
CA GLU B 167 -7.72 15.71 39.90
C GLU B 167 -7.78 14.24 40.34
N THR B 168 -6.61 13.59 40.33
CA THR B 168 -6.48 12.18 40.70
C THR B 168 -5.83 12.00 42.07
N ASN B 169 -6.03 10.82 42.68
CA ASN B 169 -5.46 10.54 44.00
C ASN B 169 -4.05 9.99 43.93
N ILE B 170 -3.64 9.53 42.75
CA ILE B 170 -2.31 8.97 42.56
C ILE B 170 -1.25 10.08 42.53
N VAL B 171 -0.31 10.04 43.47
CA VAL B 171 0.75 11.05 43.54
C VAL B 171 2.14 10.46 43.66
N LEU B 172 2.99 10.80 42.71
CA LEU B 172 4.35 10.29 42.73
C LEU B 172 5.34 11.33 43.23
N ASP B 173 6.28 10.88 44.09
CA ASP B 173 7.30 11.74 44.65
C ASP B 173 8.52 11.61 43.76
N GLN B 174 9.52 12.45 43.98
CA GLN B 174 10.71 12.43 43.15
C GLN B 174 11.24 11.03 42.86
N GLU B 175 11.60 10.30 43.91
CA GLU B 175 12.13 8.96 43.75
C GLU B 175 11.23 8.12 42.85
N LYS B 176 9.93 8.17 43.12
CA LYS B 176 8.94 7.40 42.35
C LYS B 176 8.77 7.91 40.92
N LEU B 177 8.58 9.21 40.78
CA LEU B 177 8.39 9.83 39.46
C LEU B 177 9.56 9.63 38.48
N ASP B 178 10.79 9.82 38.97
CA ASP B 178 11.97 9.66 38.11
C ASP B 178 12.03 8.24 37.55
N ARG B 179 11.78 7.26 38.41
CA ARG B 179 11.78 5.87 38.02
C ARG B 179 10.70 5.71 36.96
N VAL B 181 9.31 7.81 34.96
CA VAL B 181 9.69 8.35 33.66
C VAL B 181 10.67 7.44 32.94
N LEU B 182 11.76 7.09 33.62
CA LEU B 182 12.75 6.21 33.02
C LEU B 182 12.07 4.95 32.51
N ARG B 183 11.19 4.37 33.34
CA ARG B 183 10.46 3.15 32.97
C ARG B 183 9.65 3.39 31.70
N LEU B 184 8.77 4.38 31.72
CA LEU B 184 7.95 4.70 30.55
C LEU B 184 8.83 4.91 29.32
N THR B 185 9.86 5.71 29.49
CA THR B 185 10.80 6.04 28.43
C THR B 185 11.47 4.79 27.85
N GLN B 186 12.10 4.02 28.73
CA GLN B 186 12.79 2.79 28.35
C GLN B 186 11.79 1.89 27.63
N ARG B 187 10.64 1.70 28.26
CA ARG B 187 9.57 0.88 27.72
C ARG B 187 9.20 1.29 26.30
N SER B 188 9.70 2.44 25.87
CA SER B 188 9.44 2.96 24.54
C SER B 188 10.67 2.93 23.67
N GLY B 189 11.64 2.11 24.05
CA GLY B 189 12.88 2.00 23.28
C GLY B 189 13.79 3.22 23.32
N LYS B 190 13.22 4.39 23.61
CA LYS B 190 14.00 5.61 23.69
C LYS B 190 14.62 5.79 25.07
N HIS B 191 15.69 6.58 25.14
CA HIS B 191 16.40 6.81 26.39
C HIS B 191 16.24 8.25 26.85
N ILE B 192 16.24 8.47 28.16
CA ILE B 192 16.11 9.82 28.69
C ILE B 192 17.14 9.98 29.80
N SER B 193 17.55 11.22 30.05
CA SER B 193 18.57 11.48 31.07
C SER B 193 18.85 12.96 31.15
N ILE B 194 19.62 13.37 32.16
CA ILE B 194 19.98 14.77 32.35
C ILE B 194 20.65 15.36 31.12
N ALA B 195 21.33 14.50 30.36
CA ALA B 195 22.00 14.91 29.14
C ALA B 195 20.93 15.32 28.14
N ASN B 196 19.99 14.42 27.90
CA ASN B 196 18.87 14.66 26.99
C ASN B 196 17.60 14.36 27.80
N PRO B 197 17.01 15.41 28.40
CA PRO B 197 15.80 15.36 29.22
C PRO B 197 14.38 15.43 28.63
N ILE B 198 14.24 15.55 27.31
CA ILE B 198 12.91 15.58 26.73
C ILE B 198 12.72 14.43 25.76
N VAL B 199 11.58 13.75 25.84
CA VAL B 199 11.34 12.62 24.96
C VAL B 199 9.94 12.61 24.37
N ASP B 200 9.87 12.35 23.07
CA ASP B 200 8.60 12.26 22.39
C ASP B 200 8.63 10.88 21.78
N ALA B 201 7.92 9.96 22.40
CA ALA B 201 7.90 8.59 21.93
C ALA B 201 6.50 8.01 21.94
N THR B 202 6.41 6.72 21.60
CA THR B 202 5.14 6.01 21.60
C THR B 202 5.30 4.68 22.34
N LEU B 203 4.39 4.41 23.28
CA LEU B 203 4.44 3.18 24.06
C LEU B 203 4.12 1.98 23.17
N PRO B 204 4.50 0.78 23.64
CA PRO B 204 4.27 -0.45 22.89
C PRO B 204 2.86 -0.60 22.33
N ASP B 205 1.87 -0.10 23.05
CA ASP B 205 0.49 -0.21 22.61
C ASP B 205 0.04 0.88 21.66
N GLY B 206 0.89 1.89 21.45
CA GLY B 206 0.53 2.98 20.56
C GLY B 206 0.34 4.33 21.23
N SER B 207 0.06 4.31 22.54
CA SER B 207 -0.11 5.55 23.30
C SER B 207 1.10 6.45 23.12
N ARG B 208 0.88 7.75 22.96
CA ARG B 208 1.98 8.68 22.76
C ARG B 208 2.53 9.27 24.08
N LEU B 209 3.84 9.22 24.24
CA LEU B 209 4.50 9.71 25.45
C LEU B 209 5.28 11.00 25.24
N GLN B 210 5.24 11.85 26.25
CA GLN B 210 5.93 13.13 26.27
C GLN B 210 6.50 13.17 27.67
N ALA B 211 7.79 12.89 27.81
CA ALA B 211 8.41 12.89 29.14
C ALA B 211 9.48 13.94 29.31
N THR B 212 9.82 14.21 30.57
CA THR B 212 10.85 15.17 30.89
C THR B 212 11.58 14.64 32.11
N PHE B 213 12.90 14.75 32.13
CA PHE B 213 13.65 14.22 33.26
C PHE B 213 14.32 15.25 34.15
N GLY B 214 14.23 15.01 35.45
CA GLY B 214 14.82 15.89 36.44
C GLY B 214 14.24 17.28 36.47
N THR B 215 15.08 18.25 36.82
CA THR B 215 14.68 19.65 36.87
C THR B 215 15.56 20.44 35.91
N GLU B 216 16.25 19.69 35.06
CA GLU B 216 17.14 20.23 34.05
C GLU B 216 16.44 21.36 33.28
N VAL B 217 15.46 20.98 32.47
CA VAL B 217 14.71 21.94 31.66
C VAL B 217 13.32 22.09 32.27
N THR B 218 13.05 21.33 33.31
CA THR B 218 11.73 21.36 33.95
C THR B 218 11.77 21.39 35.46
N PRO B 219 11.81 22.59 36.07
CA PRO B 219 11.82 22.58 37.52
C PRO B 219 10.48 21.99 37.95
N ARG B 220 10.31 21.74 39.23
CA ARG B 220 9.08 21.13 39.76
C ARG B 220 9.22 19.62 39.65
N GLY B 221 10.33 19.20 39.04
CA GLY B 221 10.60 17.79 38.90
C GLY B 221 10.28 17.22 37.55
N SER B 222 10.62 15.95 37.38
CA SER B 222 10.38 15.23 36.14
C SER B 222 8.87 15.20 35.92
N SER B 223 8.46 14.94 34.69
CA SER B 223 7.06 14.88 34.35
C SER B 223 6.87 14.09 33.08
N PHE B 224 5.64 13.65 32.88
CA PHE B 224 5.33 12.89 31.69
C PHE B 224 3.87 13.14 31.40
N THR B 225 3.44 12.70 30.22
CA THR B 225 2.07 12.88 29.82
C THR B 225 1.79 11.77 28.83
N ILE B 226 0.69 11.07 29.04
CA ILE B 226 0.36 10.00 28.12
C ILE B 226 -0.96 10.32 27.48
N ARG B 227 -1.08 9.96 26.21
CA ARG B 227 -2.31 10.16 25.47
C ARG B 227 -2.59 8.75 25.01
N LYS B 228 -3.46 8.06 25.73
CA LYS B 228 -3.77 6.66 25.44
C LYS B 228 -4.23 6.42 24.00
N PHE B 229 -4.17 5.17 23.59
CA PHE B 229 -4.54 4.78 22.25
C PHE B 229 -5.67 3.78 22.34
N THR B 230 -6.82 4.10 21.74
CA THR B 230 -7.96 3.19 21.77
C THR B 230 -7.66 1.93 20.97
N ILE B 231 -7.91 0.77 21.58
CA ILE B 231 -7.64 -0.49 20.91
C ILE B 231 -8.64 -0.84 19.83
N GLU B 232 -9.90 -0.45 19.99
CA GLU B 232 -10.87 -0.77 18.95
C GLU B 232 -11.12 0.41 18.01
N PRO B 233 -10.84 0.21 16.71
CA PRO B 233 -10.98 1.17 15.62
C PRO B 233 -12.38 1.70 15.44
N LEU B 234 -12.52 3.02 15.55
CA LEU B 234 -13.80 3.67 15.34
C LEU B 234 -14.15 3.43 13.89
N THR B 235 -15.43 3.26 13.60
CA THR B 235 -15.87 3.03 12.23
C THR B 235 -16.63 4.22 11.66
N PRO B 236 -16.82 4.26 10.33
CA PRO B 236 -17.57 5.41 9.82
C PRO B 236 -18.93 5.53 10.49
N ILE B 237 -19.47 4.43 11.01
CA ILE B 237 -20.75 4.50 11.69
C ILE B 237 -20.51 5.21 13.03
N ASP B 238 -19.45 4.78 13.73
CA ASP B 238 -19.08 5.41 14.99
C ASP B 238 -19.00 6.92 14.71
N LEU B 239 -18.37 7.29 13.61
CA LEU B 239 -18.22 8.69 13.26
C LEU B 239 -19.52 9.41 12.94
N ILE B 240 -20.51 8.71 12.38
CA ILE B 240 -21.78 9.38 12.09
C ILE B 240 -22.53 9.59 13.41
N GLU B 241 -22.42 8.58 14.26
CA GLU B 241 -23.06 8.56 15.55
C GLU B 241 -22.47 9.62 16.49
N LYS B 242 -21.16 9.86 16.38
CA LYS B 242 -20.51 10.84 17.25
C LYS B 242 -20.61 12.31 16.79
N GLY B 243 -21.30 12.52 15.66
CA GLY B 243 -21.48 13.86 15.14
C GLY B 243 -20.19 14.46 14.63
N THR B 244 -19.21 13.61 14.43
CA THR B 244 -17.92 14.07 13.97
C THR B 244 -17.85 14.24 12.45
N VAL B 245 -18.61 13.46 11.71
CA VAL B 245 -18.65 13.56 10.25
C VAL B 245 -20.04 13.14 9.78
N PRO B 246 -20.67 13.94 8.88
CA PRO B 246 -22.00 13.65 8.35
C PRO B 246 -22.01 12.37 7.52
N SER B 247 -23.13 11.64 7.53
CA SER B 247 -23.24 10.41 6.73
C SER B 247 -23.13 10.74 5.24
N GLY B 248 -23.51 11.97 4.86
CA GLY B 248 -23.40 12.39 3.48
C GLY B 248 -21.94 12.50 3.08
N VAL B 249 -21.17 13.24 3.87
CA VAL B 249 -19.75 13.41 3.59
C VAL B 249 -19.14 12.02 3.55
N LEU B 250 -19.51 11.18 4.50
CA LEU B 250 -18.99 9.82 4.57
C LEU B 250 -19.26 9.06 3.27
N ALA B 251 -20.49 9.16 2.78
CA ALA B 251 -20.88 8.49 1.53
C ALA B 251 -20.04 9.09 0.41
N TYR B 252 -19.88 10.41 0.44
CA TYR B 252 -19.07 11.06 -0.58
C TYR B 252 -17.67 10.45 -0.58
N LEU B 253 -17.10 10.30 0.61
CA LEU B 253 -15.76 9.73 0.75
C LEU B 253 -15.70 8.28 0.30
N TRP B 254 -16.74 7.52 0.60
CA TRP B 254 -16.79 6.11 0.18
C TRP B 254 -16.55 6.05 -1.32
N LEU B 255 -17.37 6.77 -2.09
CA LEU B 255 -17.23 6.80 -3.55
C LEU B 255 -15.83 7.26 -3.93
N ALA B 256 -15.36 8.30 -3.27
CA ALA B 256 -14.07 8.86 -3.57
C ALA B 256 -12.94 7.87 -3.39
N ILE B 257 -12.92 7.09 -2.31
CA ILE B 257 -11.81 6.18 -2.17
C ILE B 257 -12.02 4.99 -3.10
N GLU B 258 -13.28 4.70 -3.43
CA GLU B 258 -13.54 3.59 -4.35
C GLU B 258 -12.91 3.99 -5.68
N HIS B 259 -13.21 5.21 -6.10
CA HIS B 259 -12.67 5.73 -7.36
C HIS B 259 -11.23 6.20 -7.23
N LYS B 260 -10.52 5.64 -6.25
CA LYS B 260 -9.13 5.94 -5.99
C LYS B 260 -8.69 7.41 -5.93
N PHE B 261 -9.50 8.28 -5.33
CA PHE B 261 -9.12 9.67 -5.18
C PHE B 261 -8.17 9.71 -3.98
N SER B 262 -7.02 10.36 -4.12
CA SER B 262 -6.07 10.40 -3.01
C SER B 262 -6.40 11.52 -2.04
N ALA B 263 -6.31 11.24 -0.75
CA ALA B 263 -6.64 12.25 0.25
C ALA B 263 -5.74 12.22 1.47
N ILE B 264 -5.64 13.37 2.11
CA ILE B 264 -4.82 13.55 3.30
C ILE B 264 -5.68 14.18 4.38
N VAL B 265 -5.68 13.61 5.57
CA VAL B 265 -6.46 14.22 6.63
C VAL B 265 -5.48 15.01 7.50
N VAL B 266 -5.73 16.32 7.54
CA VAL B 266 -4.93 17.32 8.27
C VAL B 266 -5.48 17.65 9.65
N GLY B 267 -4.60 18.09 10.54
CA GLY B 267 -5.01 18.44 11.87
C GLY B 267 -3.88 18.68 12.86
N GLU B 268 -4.23 19.10 14.06
CA GLU B 268 -3.25 19.34 15.11
C GLU B 268 -2.87 18.02 15.71
N THR B 269 -1.76 17.98 16.42
CA THR B 269 -1.35 16.72 17.03
C THR B 269 -2.42 16.35 18.03
N ALA B 270 -2.87 15.10 17.94
CA ALA B 270 -3.91 14.57 18.83
C ALA B 270 -5.35 15.02 18.50
N SER B 271 -5.55 15.55 17.30
CA SER B 271 -6.86 16.00 16.86
C SER B 271 -7.76 14.88 16.31
N GLY B 272 -7.29 13.64 16.37
CA GLY B 272 -8.06 12.52 15.87
C GLY B 272 -7.84 12.22 14.39
N LYS B 273 -6.68 12.60 13.86
CA LYS B 273 -6.38 12.39 12.45
C LYS B 273 -6.31 10.92 12.04
N THR B 274 -5.54 10.13 12.79
CA THR B 274 -5.38 8.73 12.48
C THR B 274 -6.70 7.99 12.58
N THR B 275 -7.46 8.30 13.62
CA THR B 275 -8.74 7.68 13.83
C THR B 275 -9.66 7.88 12.64
N THR B 276 -9.73 9.09 12.10
CA THR B 276 -10.58 9.30 10.92
C THR B 276 -10.06 8.48 9.73
N LEU B 277 -8.76 8.62 9.41
CA LEU B 277 -8.17 7.90 8.29
C LEU B 277 -8.49 6.41 8.34
N ASN B 278 -8.36 5.79 9.52
CA ASN B 278 -8.66 4.37 9.68
C ASN B 278 -10.14 4.11 9.43
N ALA B 279 -11.00 5.02 9.86
CA ALA B 279 -12.43 4.84 9.66
C ALA B 279 -12.75 4.81 8.18
N ILE B 280 -12.47 5.90 7.48
CA ILE B 280 -12.76 5.94 6.05
C ILE B 280 -11.91 4.96 5.25
N PHE B 283 -13.49 1.77 3.55
CA PHE B 283 -14.25 1.84 2.30
C PHE B 283 -13.48 1.26 1.13
N ILE B 284 -12.29 0.73 1.41
CA ILE B 284 -11.45 0.12 0.39
C ILE B 284 -12.12 -1.12 -0.16
N PRO B 285 -12.21 -1.23 -1.50
CA PRO B 285 -12.83 -2.42 -2.06
C PRO B 285 -12.09 -3.69 -1.62
N PRO B 286 -12.83 -4.72 -1.20
CA PRO B 286 -12.35 -6.02 -0.72
C PRO B 286 -11.14 -6.74 -1.31
N ASP B 287 -11.05 -6.87 -2.63
CA ASP B 287 -9.93 -7.61 -3.21
C ASP B 287 -8.66 -6.80 -3.49
N ALA B 288 -8.80 -5.47 -3.51
CA ALA B 288 -7.67 -4.59 -3.79
C ALA B 288 -6.44 -4.92 -2.96
N LYS B 289 -5.29 -4.47 -3.43
CA LYS B 289 -4.03 -4.72 -2.73
C LYS B 289 -3.67 -3.49 -1.91
N VAL B 290 -3.67 -3.64 -0.59
CA VAL B 290 -3.34 -2.52 0.28
C VAL B 290 -1.98 -2.66 0.91
N VAL B 291 -1.22 -1.57 0.86
CA VAL B 291 0.12 -1.53 1.45
C VAL B 291 0.12 -0.34 2.39
N SER B 292 0.47 -0.57 3.66
CA SER B 292 0.50 0.51 4.63
C SER B 292 1.89 0.63 5.24
N ILE B 293 2.38 1.86 5.35
CA ILE B 293 3.69 2.11 5.94
C ILE B 293 3.49 3.05 7.13
N GLU B 294 4.02 2.69 8.30
CA GLU B 294 3.86 3.54 9.48
C GLU B 294 5.09 3.47 10.38
N ASP B 295 5.23 4.41 11.30
CA ASP B 295 6.36 4.39 12.22
C ASP B 295 5.91 3.66 13.47
N THR B 296 4.59 3.65 13.67
CA THR B 296 3.97 2.99 14.80
C THR B 296 2.71 2.27 14.33
N ARG B 297 2.66 0.97 14.57
CA ARG B 297 1.51 0.16 14.17
C ARG B 297 0.28 0.80 14.82
N GLU B 298 -0.62 1.35 14.00
CA GLU B 298 -1.82 2.00 14.52
C GLU B 298 -3.08 1.62 13.80
N ILE B 299 -3.00 1.53 12.48
CA ILE B 299 -4.16 1.20 11.67
C ILE B 299 -4.60 -0.25 11.77
N LYS B 300 -5.87 -0.46 12.04
CA LYS B 300 -6.45 -1.80 12.17
C LYS B 300 -7.50 -1.99 11.07
N LEU B 301 -7.33 -2.99 10.23
CA LEU B 301 -8.29 -3.21 9.14
C LEU B 301 -8.73 -4.67 9.01
N TYR B 302 -9.92 -4.86 8.45
CA TYR B 302 -10.45 -6.20 8.23
C TYR B 302 -10.33 -6.48 6.73
N HIS B 303 -9.12 -6.31 6.20
CA HIS B 303 -8.87 -6.46 4.76
C HIS B 303 -7.79 -7.52 4.48
N GLU B 304 -8.21 -8.67 3.96
CA GLU B 304 -7.27 -9.77 3.70
C GLU B 304 -6.05 -9.46 2.84
N ASN B 305 -6.26 -8.97 1.62
CA ASN B 305 -5.14 -8.69 0.73
C ASN B 305 -4.40 -7.40 1.09
N TRP B 306 -3.73 -7.41 2.23
CA TRP B 306 -3.02 -6.23 2.70
C TRP B 306 -1.75 -6.56 3.45
N ILE B 307 -0.69 -5.79 3.17
CA ILE B 307 0.58 -5.99 3.83
C ILE B 307 0.79 -4.76 4.69
N ALA B 308 1.06 -4.96 5.97
CA ALA B 308 1.30 -3.84 6.88
C ALA B 308 2.80 -3.73 7.15
N GLU B 309 3.40 -2.70 6.57
CA GLU B 309 4.82 -2.45 6.73
C GLU B 309 5.03 -1.51 7.91
N VAL B 310 6.15 -1.66 8.60
CA VAL B 310 6.44 -0.82 9.75
C VAL B 310 7.90 -0.39 9.78
N THR B 311 8.10 0.88 10.11
CA THR B 311 9.42 1.46 10.21
C THR B 311 10.32 0.83 11.26
N ARG B 312 11.63 0.93 11.02
CA ARG B 312 12.65 0.41 11.93
C ARG B 312 13.53 1.60 12.36
N THR B 313 13.45 1.97 13.64
CA THR B 313 14.24 3.10 14.13
C THR B 313 15.59 2.65 14.64
N GLY B 314 16.62 2.80 13.80
CA GLY B 314 17.96 2.40 14.18
C GLY B 314 19.00 3.26 13.49
N GLU B 319 18.73 0.32 9.90
CA GLU B 319 17.73 1.39 9.92
C GLU B 319 16.89 1.39 8.64
N ILE B 320 15.56 1.46 8.80
CA ILE B 320 14.66 1.48 7.66
C ILE B 320 13.58 2.53 7.86
N ASP B 321 13.57 3.54 7.02
CA ASP B 321 12.60 4.63 7.12
C ASP B 321 11.43 4.52 6.14
N TYR B 323 10.56 6.44 3.78
CA TYR B 323 11.03 6.69 2.43
C TYR B 323 11.43 5.40 1.74
N ASP B 324 12.36 4.66 2.38
CA ASP B 324 12.84 3.39 1.84
C ASP B 324 11.66 2.47 1.51
N LEU B 325 10.83 2.21 2.52
CA LEU B 325 9.67 1.35 2.35
C LEU B 325 8.71 1.84 1.27
N LEU B 326 8.45 3.14 1.27
CA LEU B 326 7.53 3.72 0.31
C LEU B 326 7.98 3.49 -1.12
N ARG B 327 9.21 3.89 -1.43
CA ARG B 327 9.71 3.71 -2.80
C ARG B 327 9.80 2.22 -3.14
N ALA B 328 10.07 1.39 -2.15
CA ALA B 328 10.14 -0.04 -2.37
C ALA B 328 8.77 -0.52 -2.83
N ALA B 329 7.79 -0.38 -1.95
CA ALA B 329 6.42 -0.79 -2.24
C ALA B 329 5.95 -0.26 -3.59
N LEU B 330 6.42 0.93 -3.95
CA LEU B 330 6.02 1.54 -5.21
C LEU B 330 6.57 0.88 -6.47
N ARG B 331 7.45 -0.10 -6.30
CA ARG B 331 8.00 -0.79 -7.47
C ARG B 331 7.10 -1.93 -7.85
N GLN B 332 6.10 -2.19 -7.01
CA GLN B 332 5.12 -3.24 -7.26
C GLN B 332 3.89 -2.58 -7.90
N ARG B 333 2.74 -3.21 -7.76
CA ARG B 333 1.51 -2.68 -8.33
C ARG B 333 0.38 -2.54 -7.31
N PRO B 334 0.70 -2.10 -6.08
CA PRO B 334 -0.32 -1.94 -5.05
C PRO B 334 -1.45 -1.03 -5.50
N ASP B 335 -2.67 -1.29 -5.04
CA ASP B 335 -3.82 -0.48 -5.41
C ASP B 335 -3.99 0.70 -4.47
N TYR B 336 -3.73 0.46 -3.18
CA TYR B 336 -3.83 1.50 -2.16
C TYR B 336 -2.61 1.54 -1.26
N ILE B 337 -2.18 2.76 -0.98
CA ILE B 337 -1.02 2.97 -0.13
C ILE B 337 -1.42 3.90 0.99
N ILE B 338 -1.12 3.50 2.20
CA ILE B 338 -1.45 4.30 3.36
C ILE B 338 -0.13 4.64 4.03
N VAL B 339 0.06 5.91 4.40
CA VAL B 339 1.30 6.31 5.05
C VAL B 339 1.16 6.57 6.54
N GLY B 340 0.02 7.06 6.98
CA GLY B 340 -0.11 7.27 8.42
C GLY B 340 0.21 8.67 8.85
N GLU B 341 1.33 9.18 8.34
CA GLU B 341 1.74 10.55 8.63
C GLU B 341 3.03 10.86 7.93
N VAL B 342 2.95 11.70 6.91
CA VAL B 342 4.16 12.11 6.20
C VAL B 342 4.81 13.19 7.07
N ARG B 343 6.07 12.97 7.43
CA ARG B 343 6.76 13.93 8.27
C ARG B 343 7.98 14.48 7.56
N GLY B 344 8.40 13.83 6.49
CA GLY B 344 9.56 14.33 5.78
C GLY B 344 9.70 13.88 4.33
N ARG B 345 10.95 13.81 3.89
CA ARG B 345 11.32 13.38 2.55
C ARG B 345 10.26 12.57 1.78
N GLU B 346 9.83 11.44 2.34
CA GLU B 346 8.86 10.58 1.66
C GLU B 346 7.62 11.29 1.15
N ALA B 347 7.28 12.42 1.77
CA ALA B 347 6.11 13.20 1.37
C ALA B 347 6.15 13.50 -0.12
N GLN B 348 7.37 13.61 -0.65
CA GLN B 348 7.55 13.86 -2.07
C GLN B 348 7.11 12.62 -2.82
N THR B 349 7.68 11.49 -2.41
CA THR B 349 7.40 10.17 -2.98
C THR B 349 5.90 9.88 -2.97
N LEU B 350 5.28 10.12 -1.83
CA LEU B 350 3.87 9.88 -1.63
C LEU B 350 3.06 10.71 -2.63
N PHE B 351 3.55 11.89 -3.01
CA PHE B 351 2.82 12.71 -3.97
C PHE B 351 3.05 12.26 -5.37
N GLN B 352 4.10 11.48 -5.56
CA GLN B 352 4.39 10.95 -6.89
C GLN B 352 3.51 9.75 -7.10
N ALA B 353 3.35 8.94 -6.07
CA ALA B 353 2.51 7.74 -6.14
C ALA B 353 1.16 8.20 -6.66
N SER B 355 0.63 10.95 -8.49
CA SER B 355 0.87 11.23 -9.88
C SER B 355 0.80 10.01 -10.81
N THR B 356 1.38 8.89 -10.38
CA THR B 356 1.42 7.66 -11.18
C THR B 356 0.22 6.71 -11.03
N GLY B 357 -0.90 7.22 -10.53
CA GLY B 357 -2.10 6.40 -10.39
C GLY B 357 -2.32 5.55 -9.15
N HIS B 358 -1.63 5.85 -8.04
CA HIS B 358 -1.82 5.05 -6.83
C HIS B 358 -2.73 5.74 -5.84
N ALA B 359 -3.79 5.05 -5.41
CA ALA B 359 -4.68 5.63 -4.44
C ALA B 359 -3.82 5.80 -3.19
N SER B 360 -3.49 7.04 -2.83
CA SER B 360 -2.66 7.30 -1.67
C SER B 360 -3.36 8.12 -0.60
N TYR B 361 -3.16 7.73 0.66
CA TYR B 361 -3.77 8.42 1.79
C TYR B 361 -2.79 8.55 2.94
N SER B 362 -2.93 9.63 3.69
CA SER B 362 -2.03 9.82 4.82
C SER B 362 -2.51 10.94 5.75
N THR B 363 -1.88 11.02 6.91
CA THR B 363 -2.18 12.03 7.92
C THR B 363 -1.09 13.09 7.87
N LEU B 364 -1.45 14.33 8.20
CA LEU B 364 -0.49 15.43 8.15
C LEU B 364 -0.74 16.39 9.31
N HIS B 365 0.33 16.86 9.94
CA HIS B 365 0.24 17.76 11.09
C HIS B 365 0.14 19.22 10.69
N ALA B 366 -1.06 19.78 10.74
CA ALA B 366 -1.29 21.20 10.39
C ALA B 366 -2.70 21.64 10.78
N GLY B 367 -2.87 22.94 11.01
CA GLY B 367 -4.17 23.46 11.43
C GLY B 367 -5.17 23.94 10.39
N ASP B 368 -4.68 24.66 9.37
CA ASP B 368 -5.53 25.17 8.31
C ASP B 368 -5.19 24.31 7.12
N ILE B 369 -5.55 24.79 5.94
CA ILE B 369 -5.25 24.10 4.71
C ILE B 369 -4.08 24.93 4.23
N ASN B 370 -4.09 26.18 4.64
CA ASN B 370 -3.04 27.14 4.29
C ASN B 370 -1.79 26.55 4.87
N GLN B 371 -1.86 26.23 6.16
CA GLN B 371 -0.75 25.66 6.89
C GLN B 371 -0.37 24.33 6.27
N VAL B 373 -0.57 23.53 3.03
CA VAL B 373 0.24 23.87 1.88
C VAL B 373 1.64 24.27 2.31
N TYR B 374 1.72 25.18 3.28
CA TYR B 374 3.01 25.64 3.76
C TYR B 374 3.86 24.50 4.32
N ARG B 375 3.28 23.66 5.17
CA ARG B 375 4.06 22.56 5.73
C ARG B 375 4.53 21.57 4.65
N LEU B 376 3.71 21.39 3.62
CA LEU B 376 4.03 20.48 2.54
C LEU B 376 5.19 20.96 1.70
N GLU B 377 5.06 22.20 1.21
CA GLU B 377 6.06 22.80 0.35
C GLU B 377 7.43 23.05 0.92
N SER B 378 7.53 23.28 2.22
CA SER B 378 8.83 23.56 2.82
C SER B 378 9.53 22.35 3.40
N GLU B 379 10.85 22.47 3.58
CA GLU B 379 11.66 21.39 4.14
C GLU B 379 10.97 21.02 5.44
N PRO B 380 11.08 19.76 5.89
CA PRO B 380 11.79 18.57 5.36
C PRO B 380 11.05 17.87 4.25
N LEU B 381 9.73 18.03 4.25
CA LEU B 381 8.87 17.41 3.25
C LEU B 381 9.30 17.84 1.84
N LYS B 382 9.27 19.15 1.60
CA LYS B 382 9.66 19.74 0.34
C LYS B 382 8.95 19.17 -0.90
N VAL B 383 7.63 19.32 -0.93
CA VAL B 383 6.84 18.86 -2.06
C VAL B 383 6.70 20.01 -3.05
N PRO B 384 7.09 19.80 -4.30
CA PRO B 384 6.95 20.90 -5.25
C PRO B 384 5.49 21.30 -5.51
N ARG B 385 5.26 22.59 -5.70
CA ARG B 385 3.92 23.12 -5.93
C ARG B 385 3.18 22.49 -7.11
N SER B 386 3.90 22.12 -8.16
CA SER B 386 3.25 21.52 -9.32
C SER B 386 2.67 20.13 -9.02
N LEU B 388 1.13 19.17 -5.94
CA LEU B 388 -0.04 19.18 -5.09
C LEU B 388 -1.31 18.87 -5.86
N GLN B 389 -1.34 19.27 -7.12
CA GLN B 389 -2.51 19.04 -7.96
C GLN B 389 -3.00 17.60 -7.86
N PHE B 390 -2.07 16.69 -7.63
CA PHE B 390 -2.38 15.28 -7.54
C PHE B 390 -3.06 14.82 -6.25
N LEU B 391 -3.34 15.74 -5.33
CA LEU B 391 -4.05 15.37 -4.11
C LEU B 391 -5.51 15.71 -4.37
N ASP B 392 -6.42 14.80 -4.05
CA ASP B 392 -7.84 15.03 -4.32
C ASP B 392 -8.64 15.63 -3.19
N ILE B 393 -8.59 15.00 -2.02
CA ILE B 393 -9.35 15.49 -0.89
C ILE B 393 -8.45 15.81 0.29
N ALA B 394 -8.83 16.85 1.02
CA ALA B 394 -8.08 17.25 2.20
C ALA B 394 -9.08 17.54 3.32
N LEU B 395 -9.15 16.66 4.31
CA LEU B 395 -10.08 16.85 5.43
C LEU B 395 -9.33 17.55 6.54
N VAL B 396 -10.07 18.24 7.41
CA VAL B 396 -9.44 18.93 8.52
C VAL B 396 -10.12 18.58 9.84
N GLN B 397 -9.37 17.91 10.72
CA GLN B 397 -9.89 17.50 12.02
C GLN B 397 -9.63 18.55 13.09
N THR B 398 -10.57 18.70 14.01
CA THR B 398 -10.44 19.64 15.09
C THR B 398 -11.00 19.02 16.37
N TRP B 400 -12.67 20.21 19.29
CA TRP B 400 -13.35 21.31 19.97
C TRP B 400 -13.55 21.05 21.48
N VAL B 401 -13.23 22.05 22.30
CA VAL B 401 -13.35 21.92 23.75
C VAL B 401 -14.23 23.00 24.40
N ARG B 402 -15.30 22.58 25.05
CA ARG B 402 -16.23 23.51 25.70
C ARG B 402 -16.77 22.92 27.00
N GLY B 403 -16.16 23.31 28.12
CA GLY B 403 -16.60 22.79 29.40
C GLY B 403 -15.99 21.42 29.62
N ASN B 404 -16.74 20.50 30.20
CA ASN B 404 -16.24 19.15 30.43
C ASN B 404 -16.56 18.25 29.26
N THR B 405 -16.42 18.80 28.06
CA THR B 405 -16.69 18.06 26.84
C THR B 405 -15.66 18.35 25.76
N ARG B 406 -15.33 17.32 25.01
CA ARG B 406 -14.39 17.39 23.91
C ARG B 406 -15.12 16.83 22.72
N LEU B 407 -15.00 17.49 21.58
CA LEU B 407 -15.66 16.97 20.41
C LEU B 407 -14.68 16.91 19.27
N ARG B 408 -14.41 15.70 18.79
CA ARG B 408 -13.52 15.57 17.64
C ARG B 408 -14.55 15.80 16.54
N ARG B 409 -14.24 16.67 15.59
CA ARG B 409 -15.15 16.97 14.50
C ARG B 409 -14.42 17.17 13.18
N THR B 410 -14.97 16.69 12.08
CA THR B 410 -14.34 16.93 10.80
C THR B 410 -14.72 18.37 10.53
N LYS B 411 -13.80 19.26 10.86
CA LYS B 411 -13.97 20.69 10.75
C LYS B 411 -14.14 21.24 9.36
N GLU B 412 -13.74 20.46 8.35
CA GLU B 412 -13.85 20.96 6.99
C GLU B 412 -13.36 19.99 5.92
N VAL B 413 -14.07 19.93 4.80
CA VAL B 413 -13.69 19.03 3.71
C VAL B 413 -13.31 19.86 2.50
N ASN B 414 -12.11 19.62 1.97
CA ASN B 414 -11.65 20.38 0.81
C ASN B 414 -11.32 19.52 -0.38
N GLU B 415 -11.59 20.07 -1.55
CA GLU B 415 -11.31 19.39 -2.80
C GLU B 415 -10.24 20.20 -3.55
N ILE B 416 -9.20 19.52 -4.00
CA ILE B 416 -8.15 20.19 -4.75
C ILE B 416 -8.46 20.00 -6.23
N LEU B 417 -9.02 21.04 -6.83
CA LEU B 417 -9.37 21.01 -8.25
C LEU B 417 -8.12 20.97 -9.12
N GLY B 418 -7.26 21.96 -8.96
CA GLY B 418 -6.05 21.97 -9.75
C GLY B 418 -5.11 23.10 -9.38
N ILE B 419 -4.25 23.46 -10.32
CA ILE B 419 -3.30 24.55 -10.12
C ILE B 419 -3.65 25.68 -11.09
N ASP B 420 -3.90 26.87 -10.56
CA ASP B 420 -4.25 28.00 -11.40
C ASP B 420 -3.15 28.37 -12.37
N PRO B 421 -3.51 28.66 -13.63
CA PRO B 421 -2.58 29.04 -14.69
C PRO B 421 -1.82 30.33 -14.41
N VAL B 422 -2.28 31.07 -13.40
CA VAL B 422 -1.65 32.33 -13.02
C VAL B 422 -1.21 32.26 -11.56
N ASP B 423 0.06 32.53 -11.31
CA ASP B 423 0.61 32.48 -9.96
C ASP B 423 0.58 31.03 -9.46
N LYS B 424 0.18 30.12 -10.35
CA LYS B 424 0.10 28.70 -10.03
C LYS B 424 -0.46 28.51 -8.63
N ASN B 425 -1.65 29.06 -8.40
CA ASN B 425 -2.31 28.95 -7.11
C ASN B 425 -3.09 27.66 -7.05
N LEU B 426 -3.19 27.07 -5.87
CA LEU B 426 -3.93 25.83 -5.70
C LEU B 426 -5.43 26.07 -5.76
N LEU B 427 -6.09 25.45 -6.73
CA LEU B 427 -7.52 25.59 -6.86
C LEU B 427 -8.15 24.63 -5.86
N VAL B 428 -8.82 25.18 -4.86
CA VAL B 428 -9.46 24.39 -3.82
C VAL B 428 -10.95 24.70 -3.68
N ASN B 429 -11.72 23.70 -3.25
CA ASN B 429 -13.14 23.89 -3.01
C ASN B 429 -13.50 23.29 -1.64
N GLN B 430 -14.04 24.13 -0.77
CA GLN B 430 -14.44 23.70 0.56
C GLN B 430 -15.92 23.46 0.45
N PHE B 431 -16.36 22.22 0.28
CA PHE B 431 -17.79 22.03 0.16
C PHE B 431 -18.53 21.79 1.47
N VAL B 432 -17.81 21.35 2.50
CA VAL B 432 -18.44 21.18 3.80
C VAL B 432 -17.60 21.87 4.86
N LYS B 433 -18.28 22.57 5.75
CA LYS B 433 -17.63 23.30 6.82
C LYS B 433 -18.40 23.09 8.12
N TRP B 434 -17.69 22.79 9.20
CA TRP B 434 -18.35 22.57 10.48
C TRP B 434 -18.70 23.88 11.15
N ASP B 435 -19.77 23.86 11.94
CA ASP B 435 -20.22 25.04 12.63
C ASP B 435 -20.23 24.74 14.12
N PRO B 436 -19.25 25.30 14.87
CA PRO B 436 -19.16 25.08 16.30
C PRO B 436 -20.40 25.57 17.03
N LYS B 437 -21.01 26.63 16.50
CA LYS B 437 -22.22 27.22 17.08
C LYS B 437 -23.26 26.16 17.38
N GLU B 438 -23.97 25.72 16.34
CA GLU B 438 -25.03 24.70 16.49
C GLU B 438 -24.47 23.27 16.40
N ASP B 439 -23.16 23.17 16.16
CA ASP B 439 -22.51 21.87 16.01
C ASP B 439 -23.18 21.18 14.83
N LYS B 440 -23.24 21.91 13.71
CA LYS B 440 -23.85 21.42 12.48
C LYS B 440 -22.86 21.54 11.34
N HIS B 441 -22.73 20.48 10.54
CA HIS B 441 -21.84 20.55 9.39
C HIS B 441 -22.65 21.25 8.32
N ILE B 442 -22.02 22.10 7.53
CA ILE B 442 -22.76 22.83 6.51
C ILE B 442 -22.19 22.63 5.12
N GLU B 443 -23.07 22.47 4.13
CA GLU B 443 -22.64 22.25 2.76
C GLU B 443 -22.59 23.57 1.99
N VAL B 444 -21.47 24.27 2.06
CA VAL B 444 -21.36 25.54 1.37
C VAL B 444 -21.51 25.40 -0.15
N SER B 445 -21.48 24.15 -0.63
CA SER B 445 -21.62 23.86 -2.06
C SER B 445 -21.70 22.36 -2.31
N PRO B 447 -20.06 18.86 -4.06
CA PRO B 447 -18.75 18.35 -4.46
C PRO B 447 -18.49 18.42 -5.96
N LYS B 448 -17.38 19.07 -6.32
CA LYS B 448 -17.01 19.19 -7.72
C LYS B 448 -16.37 17.89 -8.16
N LYS B 449 -15.93 17.08 -7.19
CA LYS B 449 -15.31 15.79 -7.51
C LYS B 449 -16.31 14.79 -8.05
N LEU B 450 -17.60 15.13 -7.98
CA LEU B 450 -18.64 14.25 -8.47
C LEU B 450 -18.63 14.14 -10.00
N GLU B 451 -18.15 15.20 -10.65
CA GLU B 451 -18.06 15.22 -12.11
C GLU B 451 -16.91 14.35 -12.58
N LYS B 452 -15.81 14.38 -11.84
CA LYS B 452 -14.65 13.57 -12.21
C LYS B 452 -15.06 12.11 -12.13
N ALA B 454 -18.28 10.97 -12.50
CA ALA B 454 -19.24 10.74 -13.56
C ALA B 454 -18.52 10.35 -14.84
N ASP B 455 -17.50 11.10 -15.19
CA ASP B 455 -16.75 10.80 -16.40
C ASP B 455 -16.05 9.46 -16.27
N PHE B 456 -15.34 9.26 -15.17
CA PHE B 456 -14.66 8.00 -14.98
C PHE B 456 -15.59 6.79 -15.10
N LEU B 457 -16.91 7.02 -15.08
CA LEU B 457 -17.91 5.95 -15.17
C LEU B 457 -18.76 5.99 -16.44
N GLY B 458 -18.86 7.17 -17.03
CA GLY B 458 -19.65 7.33 -18.24
C GLY B 458 -21.12 7.58 -17.93
N VAL B 459 -21.39 7.99 -16.70
CA VAL B 459 -22.76 8.26 -16.26
C VAL B 459 -22.94 9.76 -16.00
N SER B 460 -24.17 10.23 -15.85
CA SER B 460 -24.42 11.64 -15.60
C SER B 460 -24.09 11.99 -14.15
N VAL B 461 -23.72 13.24 -13.89
CA VAL B 461 -23.41 13.64 -12.53
C VAL B 461 -24.60 13.28 -11.65
N GLN B 462 -25.80 13.48 -12.19
CA GLN B 462 -27.02 13.16 -11.47
C GLN B 462 -27.02 11.71 -11.03
N GLU B 463 -26.52 10.84 -11.89
CA GLU B 463 -26.47 9.42 -11.57
C GLU B 463 -25.50 9.08 -10.43
N VAL B 464 -24.37 9.78 -10.38
CA VAL B 464 -23.38 9.55 -9.32
C VAL B 464 -23.96 10.02 -8.00
N TYR B 465 -24.52 11.22 -8.04
CA TYR B 465 -25.11 11.82 -6.85
C TYR B 465 -26.13 10.90 -6.17
N ASP B 466 -27.01 10.27 -6.96
CA ASP B 466 -28.02 9.37 -6.41
C ASP B 466 -27.37 8.11 -5.84
N GLU B 467 -26.20 7.74 -6.36
CA GLU B 467 -25.49 6.57 -5.85
C GLU B 467 -25.02 6.96 -4.47
N LEU B 469 -26.29 9.24 -2.27
CA LEU B 469 -27.42 9.20 -1.36
C LEU B 469 -27.73 7.76 -0.94
N SER B 470 -27.61 6.85 -1.89
CA SER B 470 -27.88 5.45 -1.63
C SER B 470 -26.93 4.94 -0.54
N ARG B 471 -25.63 5.08 -0.78
CA ARG B 471 -24.63 4.64 0.19
C ARG B 471 -24.93 5.33 1.51
N LYS B 472 -25.27 6.61 1.42
CA LYS B 472 -25.61 7.40 2.59
C LYS B 472 -26.76 6.76 3.36
N ARG B 473 -27.78 6.30 2.63
CA ARG B 473 -28.92 5.64 3.28
C ARG B 473 -28.45 4.36 3.93
N TYR B 474 -27.65 3.60 3.18
CA TYR B 474 -27.11 2.35 3.65
C TYR B 474 -26.38 2.55 4.97
N LEU B 475 -25.58 3.62 5.04
CA LEU B 475 -24.83 3.91 6.25
C LEU B 475 -25.75 4.18 7.44
N GLU B 476 -26.74 5.03 7.24
CA GLU B 476 -27.69 5.37 8.30
C GLU B 476 -28.54 4.15 8.71
N LEU B 477 -28.75 3.25 7.77
CA LEU B 477 -29.52 2.04 8.07
C LEU B 477 -28.66 1.15 8.97
N LEU B 479 -26.39 2.19 10.99
CA LEU B 479 -26.32 2.89 12.24
C LEU B 479 -27.57 2.57 13.03
N LYS B 480 -28.71 2.82 12.39
CA LYS B 480 -30.00 2.59 13.02
C LYS B 480 -30.16 1.16 13.48
N ARG B 481 -29.43 0.24 12.84
CA ARG B 481 -29.48 -1.18 13.22
C ARG B 481 -28.39 -1.55 14.20
N GLY B 482 -27.68 -0.53 14.67
CA GLY B 482 -26.62 -0.75 15.64
C GLY B 482 -25.51 -1.67 15.18
N ILE B 483 -24.92 -1.32 14.03
CA ILE B 483 -23.81 -2.08 13.47
C ILE B 483 -22.65 -1.10 13.58
N ARG B 484 -21.86 -1.24 14.64
CA ARG B 484 -20.77 -0.30 14.88
C ARG B 484 -19.34 -0.81 14.78
N ASN B 485 -19.09 -2.04 15.23
CA ASN B 485 -17.74 -2.59 15.21
C ASN B 485 -17.13 -2.72 13.82
N TYR B 486 -15.82 -2.55 13.75
CA TYR B 486 -15.13 -2.59 12.47
C TYR B 486 -15.23 -3.89 11.67
N LYS B 487 -15.05 -5.04 12.32
CA LYS B 487 -15.14 -6.29 11.56
C LYS B 487 -16.53 -6.46 10.95
N GLU B 488 -17.57 -6.20 11.72
CA GLU B 488 -18.91 -6.34 11.19
C GLU B 488 -19.24 -5.23 10.20
N VAL B 489 -18.79 -4.01 10.47
CA VAL B 489 -19.07 -2.93 9.54
C VAL B 489 -18.36 -3.20 8.22
N THR B 490 -17.08 -3.52 8.29
CA THR B 490 -16.32 -3.83 7.09
C THR B 490 -17.05 -4.94 6.32
N ARG B 491 -17.59 -5.90 7.07
CA ARG B 491 -18.28 -7.03 6.47
C ARG B 491 -19.48 -6.56 5.63
N TYR B 492 -20.30 -5.67 6.19
CA TYR B 492 -21.47 -5.15 5.49
C TYR B 492 -21.12 -4.22 4.36
N ILE B 493 -19.99 -3.55 4.45
CA ILE B 493 -19.61 -2.63 3.40
C ILE B 493 -19.09 -3.43 2.21
N HIS B 494 -18.29 -4.44 2.50
CA HIS B 494 -17.75 -5.31 1.45
C HIS B 494 -18.91 -5.90 0.68
N ALA B 495 -20.01 -6.11 1.37
CA ALA B 495 -21.20 -6.65 0.75
C ALA B 495 -21.73 -5.69 -0.31
N TYR B 496 -22.08 -4.48 0.09
CA TYR B 496 -22.59 -3.47 -0.83
C TYR B 496 -21.72 -3.40 -2.08
N TYR B 497 -20.43 -3.69 -1.91
CA TYR B 497 -19.49 -3.67 -3.02
C TYR B 497 -19.83 -4.81 -3.97
N ARG B 498 -19.83 -6.01 -3.41
CA ARG B 498 -20.11 -7.22 -4.17
C ARG B 498 -21.41 -7.15 -4.95
N ASN B 499 -22.45 -6.61 -4.33
CA ASN B 499 -23.76 -6.43 -4.95
C ASN B 499 -24.55 -5.45 -4.12
N PRO B 500 -24.84 -4.28 -4.67
CA PRO B 500 -25.58 -3.18 -4.03
C PRO B 500 -27.04 -3.44 -3.69
N GLU B 501 -27.84 -3.82 -4.68
CA GLU B 501 -29.27 -4.03 -4.46
C GLU B 501 -29.52 -5.19 -3.52
N LEU B 502 -28.76 -6.27 -3.66
CA LEU B 502 -28.95 -7.41 -2.78
C LEU B 502 -28.55 -6.96 -1.38
N ALA B 503 -27.53 -6.11 -1.31
CA ALA B 503 -27.02 -5.59 -0.05
C ALA B 503 -28.02 -4.65 0.61
N THR B 505 -31.35 -4.50 0.12
CA THR B 505 -32.50 -5.26 0.56
C THR B 505 -32.22 -5.94 1.88
N LYS B 506 -31.17 -6.77 1.91
CA LYS B 506 -30.83 -7.50 3.12
C LYS B 506 -30.66 -6.57 4.32
N GLU B 508 -32.31 -3.45 4.80
CA GLU B 508 -33.64 -3.04 5.24
C GLU B 508 -34.60 -4.21 5.49
N GLU B 509 -34.09 -5.43 5.36
CA GLU B 509 -34.94 -6.60 5.56
C GLU B 509 -34.52 -7.40 6.79
N GLY B 510 -33.63 -6.81 7.59
CA GLY B 510 -33.18 -7.47 8.80
C GLY B 510 -32.04 -8.48 8.70
N LEU B 511 -31.70 -8.94 7.51
CA LEU B 511 -30.62 -9.92 7.36
C LEU B 511 -29.23 -9.32 7.48
#